data_7B3O
#
_entry.id   7B3O
#
_cell.length_a   195.756
_cell.length_b   87.420
_cell.length_c   57.059
_cell.angle_alpha   90.000
_cell.angle_beta   100.610
_cell.angle_gamma   90.000
#
_symmetry.space_group_name_H-M   'C 1 2 1'
#
loop_
_entity.id
_entity.type
_entity.pdbx_description
1 polymer 'Spike protein S1'
2 polymer 'Light Chain of Fab Fragment'
3 polymer 'Heavy Chain of Fab Fragment'
4 branched 2-acetamido-2-deoxy-beta-D-glucopyranose-(1-4)-2-acetamido-2-deoxy-beta-D-glucopyranose
5 water water
#
loop_
_entity_poly.entity_id
_entity_poly.type
_entity_poly.pdbx_seq_one_letter_code
_entity_poly.pdbx_strand_id
1 'polypeptide(L)'
;MANITNLCPFGEVFNATRFASVYAWNRKRISNCVADYSVLYNSASFSTFKCYGVSPTKLNDLCFTNVYADSFVIRGDEVR
QIAPGQTGKIADYNYKLPDDFTGCVIAWNSNNLDSKVGGNYNYLYRLFRKSNLKPFERDISTEIYQAGSTPCNGVEGFNC
YFPLQSYGFQPTNGVGYQPYRVVVLSFELLHAPATVAAAHHHHHH
;
E
2 'polypeptide(L)'
;DIVMTQSPSFLSASVGDRVTITCRASQGISSYLAWYQQKPGKAPKLLIYAASTLQSGVPSRFSGSGSGTEFTLTISSLQP
EDFATYYCQQLNSYPPFTFGPGTKVDIKRTVAAPSVFIFPPSDEQLKSGTASVVCLLNNFYPREAKVQWKVDNALQSGNS
QESVTEQDSKDSTYSLSSTLTLSKADYEKHKVYACEVTHQGLRSPVTKSFNRGEC
;
L
3 'polypeptide(L)'
;QVQLVESGGGLVQPGGSLRLSCAASGLTVSSNYMSWVRQAPGKGLEWVSVIYSGGSTYYADSVKGRFTISRDDSKNTLYL
QMNSLRAEDTAVYYCARDVADAFDIWGQGTMVTVSSASTKGPSVFPLAPSSKSTSGGTAALGCLVKDYFPEPVTVSWNSG
ALTSGVHTFPAVLQSSGLYSLSSVVTVPSSSLGTQTYICNVNHKPSNTKVDKKVEPKSCAAAHHHHHH
;
H
#
loop_
_chem_comp.id
_chem_comp.type
_chem_comp.name
_chem_comp.formula
NAG D-saccharide, beta linking 2-acetamido-2-deoxy-beta-D-glucopyranose 'C8 H15 N O6'
#
# COMPACT_ATOMS: atom_id res chain seq x y z
N LEU A 7 5.92 3.98 56.81
CA LEU A 7 6.42 4.54 55.56
C LEU A 7 5.40 4.35 54.45
N CYS A 8 5.44 5.22 53.44
CA CYS A 8 4.47 5.16 52.36
C CYS A 8 4.57 3.83 51.62
N PRO A 9 3.42 3.28 51.17
CA PRO A 9 3.39 1.92 50.63
C PRO A 9 3.65 1.80 49.13
N PHE A 10 4.77 2.36 48.67
CA PHE A 10 5.10 2.26 47.26
C PHE A 10 5.50 0.84 46.88
N GLY A 11 6.01 0.06 47.83
CA GLY A 11 6.40 -1.30 47.53
C GLY A 11 5.25 -2.14 46.99
N GLU A 12 4.04 -1.90 47.49
CA GLU A 12 2.90 -2.69 47.07
C GLU A 12 2.22 -2.16 45.81
N VAL A 13 2.64 -1.01 45.30
CA VAL A 13 2.18 -0.50 44.01
C VAL A 13 3.16 -0.95 42.93
N PHE A 14 4.43 -0.59 43.08
CA PHE A 14 5.42 -0.85 42.04
C PHE A 14 5.73 -2.34 41.91
N ASN A 15 5.84 -3.04 43.04
CA ASN A 15 6.26 -4.43 43.04
C ASN A 15 5.09 -5.40 43.15
N ALA A 16 3.86 -4.94 42.88
CA ALA A 16 2.72 -5.84 42.89
C ALA A 16 2.91 -6.97 41.90
N THR A 17 2.33 -8.14 42.23
CA THR A 17 2.52 -9.32 41.40
C THR A 17 1.80 -9.18 40.06
N ARG A 18 0.55 -8.72 40.10
CA ARG A 18 -0.24 -8.49 38.90
C ARG A 18 -0.62 -7.02 38.82
N PHE A 19 -0.57 -6.47 37.61
CA PHE A 19 -1.02 -5.12 37.35
C PHE A 19 -2.40 -5.16 36.69
N ALA A 20 -3.08 -4.02 36.70
CA ALA A 20 -4.39 -3.94 36.09
C ALA A 20 -4.27 -3.82 34.57
N SER A 21 -5.33 -4.24 33.88
CA SER A 21 -5.53 -3.85 32.48
C SER A 21 -5.74 -2.34 32.40
N VAL A 22 -5.26 -1.73 31.31
CA VAL A 22 -5.30 -0.28 31.21
C VAL A 22 -6.72 0.25 31.19
N TYR A 23 -7.66 -0.47 30.60
CA TYR A 23 -9.03 0.03 30.57
C TYR A 23 -9.63 0.04 31.98
N ALA A 24 -9.20 -0.89 32.83
CA ALA A 24 -9.66 -0.97 34.21
C ALA A 24 -8.54 -0.55 35.15
N TRP A 25 -7.88 0.57 34.85
CA TRP A 25 -6.68 0.95 35.55
C TRP A 25 -6.97 1.08 37.07
N ASN A 26 -6.01 0.69 37.88
CA ASN A 26 -6.11 0.74 39.32
CA ASN A 26 -6.12 0.74 39.32
C ASN A 26 -5.66 2.10 39.84
N ARG A 27 -6.32 2.56 40.90
CA ARG A 27 -5.95 3.80 41.56
C ARG A 27 -5.72 3.52 43.06
N LYS A 28 -4.56 3.86 43.55
CA LYS A 28 -4.22 3.73 44.97
C LYS A 28 -3.99 5.12 45.54
N ARG A 29 -4.73 5.45 46.59
CA ARG A 29 -4.57 6.73 47.29
C ARG A 29 -3.44 6.60 48.30
N ILE A 30 -2.51 7.55 48.26
CA ILE A 30 -1.38 7.60 49.19
C ILE A 30 -1.58 8.84 50.07
N SER A 31 -1.64 8.63 51.39
CA SER A 31 -1.83 9.73 52.31
C SER A 31 -1.31 9.33 53.68
N ASN A 32 -1.12 10.34 54.52
CA ASN A 32 -0.67 10.17 55.89
C ASN A 32 0.43 9.10 55.98
N CYS A 33 1.55 9.43 55.33
CA CYS A 33 2.75 8.60 55.38
C CYS A 33 3.91 9.46 54.86
N VAL A 34 5.12 8.97 55.08
CA VAL A 34 6.33 9.65 54.62
C VAL A 34 6.93 8.85 53.48
N ALA A 35 7.30 9.53 52.41
CA ALA A 35 7.84 8.88 51.22
C ALA A 35 9.14 9.54 50.82
N ASP A 36 10.11 8.71 50.45
CA ASP A 36 11.37 9.17 49.87
C ASP A 36 11.19 9.07 48.35
N TYR A 37 10.75 10.17 47.74
CA TYR A 37 10.55 10.17 46.30
C TYR A 37 11.89 10.09 45.56
N SER A 38 12.96 10.57 46.18
CA SER A 38 14.25 10.59 45.50
C SER A 38 14.76 9.18 45.22
N VAL A 39 14.43 8.20 46.07
CA VAL A 39 14.93 6.85 45.84
C VAL A 39 14.32 6.28 44.55
N LEU A 40 13.05 6.56 44.30
CA LEU A 40 12.43 6.12 43.06
C LEU A 40 13.19 6.69 41.86
N TYR A 41 13.41 8.01 41.86
CA TYR A 41 14.10 8.64 40.73
C TYR A 41 15.49 8.07 40.54
N ASN A 42 16.17 7.76 41.64
CA ASN A 42 17.54 7.26 41.56
C ASN A 42 17.63 5.83 41.06
N SER A 43 16.52 5.09 41.08
CA SER A 43 16.55 3.71 40.61
C SER A 43 16.81 3.65 39.11
N ALA A 44 17.60 2.66 38.70
CA ALA A 44 17.91 2.43 37.30
C ALA A 44 16.92 1.48 36.62
N SER A 45 15.92 1.00 37.35
CA SER A 45 14.98 0.04 36.79
C SER A 45 13.99 0.68 35.83
N PHE A 46 13.76 1.99 35.91
CA PHE A 46 12.74 2.64 35.09
C PHE A 46 13.32 3.15 33.78
N SER A 47 12.63 2.82 32.69
CA SER A 47 12.97 3.35 31.38
C SER A 47 12.34 4.72 31.14
N THR A 48 11.24 5.01 31.81
CA THR A 48 10.57 6.30 31.70
C THR A 48 10.39 6.87 33.10
N PHE A 49 10.83 8.12 33.28
CA PHE A 49 10.56 8.88 34.51
C PHE A 49 10.44 10.35 34.08
N LYS A 50 9.21 10.75 33.76
CA LYS A 50 8.93 12.07 33.21
C LYS A 50 7.97 12.79 34.14
N CYS A 51 8.35 13.99 34.56
CA CYS A 51 7.56 14.77 35.50
C CYS A 51 7.08 16.05 34.84
N TYR A 52 5.85 16.42 35.17
CA TYR A 52 5.15 17.53 34.53
C TYR A 52 4.66 18.46 35.62
N GLY A 53 5.04 19.72 35.54
CA GLY A 53 4.68 20.69 36.56
C GLY A 53 5.43 20.56 37.87
N VAL A 54 6.38 19.65 37.95
CA VAL A 54 7.22 19.47 39.14
C VAL A 54 8.61 19.08 38.68
N SER A 55 9.56 19.12 39.61
CA SER A 55 10.91 18.65 39.33
C SER A 55 11.15 17.36 40.08
N PRO A 56 11.72 16.34 39.44
CA PRO A 56 11.94 15.06 40.16
C PRO A 56 12.87 15.21 41.35
N THR A 57 13.92 16.03 41.21
CA THR A 57 14.90 16.17 42.27
C THR A 57 14.31 16.88 43.49
N LYS A 58 13.52 17.91 43.27
CA LYS A 58 12.91 18.67 44.34
C LYS A 58 11.60 18.07 44.82
N LEU A 59 11.31 16.82 44.45
CA LEU A 59 10.06 16.19 44.84
C LEU A 59 9.95 16.06 46.36
N ASN A 60 11.02 15.58 47.00
CA ASN A 60 10.94 15.28 48.43
C ASN A 60 10.65 16.53 49.26
N ASP A 61 11.16 17.68 48.85
CA ASP A 61 10.94 18.90 49.62
C ASP A 61 9.47 19.31 49.64
N LEU A 62 8.67 18.88 48.67
CA LEU A 62 7.35 19.43 48.47
C LEU A 62 6.31 18.81 49.42
N CYS A 63 5.19 19.50 49.56
CA CYS A 63 4.06 19.09 50.39
C CYS A 63 2.82 18.97 49.52
N PHE A 64 2.09 17.85 49.66
CA PHE A 64 0.96 17.56 48.80
C PHE A 64 -0.34 17.41 49.59
N THR A 65 -1.41 17.96 49.02
CA THR A 65 -2.75 17.70 49.56
C THR A 65 -3.09 16.22 49.48
N ASN A 66 -3.04 15.67 48.27
CA ASN A 66 -3.45 14.31 48.00
C ASN A 66 -2.51 13.72 46.96
N VAL A 67 -2.24 12.42 47.08
CA VAL A 67 -1.37 11.71 46.14
C VAL A 67 -2.12 10.48 45.64
N TYR A 68 -2.17 10.33 44.33
CA TYR A 68 -2.78 9.17 43.68
C TYR A 68 -1.72 8.43 42.89
N ALA A 69 -1.76 7.11 42.97
CA ALA A 69 -0.87 6.24 42.20
C ALA A 69 -1.74 5.32 41.34
N ASP A 70 -1.84 5.64 40.05
CA ASP A 70 -2.56 4.82 39.08
C ASP A 70 -1.59 3.88 38.40
N SER A 71 -2.04 2.65 38.14
CA SER A 71 -1.14 1.66 37.57
C SER A 71 -1.88 0.73 36.61
N PHE A 72 -1.16 0.29 35.57
CA PHE A 72 -1.72 -0.53 34.51
C PHE A 72 -0.57 -1.01 33.63
N VAL A 73 -0.90 -1.84 32.64
CA VAL A 73 0.07 -2.35 31.68
C VAL A 73 -0.37 -1.95 30.27
N ILE A 74 0.59 -1.53 29.46
CA ILE A 74 0.37 -1.22 28.04
C ILE A 74 1.59 -1.68 27.24
N ARG A 75 1.51 -1.54 25.93
CA ARG A 75 2.61 -1.80 25.04
C ARG A 75 3.69 -0.71 25.18
N GLY A 76 4.93 -1.09 24.84
CA GLY A 76 6.01 -0.13 24.81
C GLY A 76 5.73 1.05 23.89
N ASP A 77 5.23 0.79 22.68
CA ASP A 77 4.97 1.85 21.73
C ASP A 77 3.87 2.82 22.20
N GLU A 78 3.11 2.46 23.23
CA GLU A 78 2.01 3.29 23.72
C GLU A 78 2.40 4.13 24.95
N VAL A 79 3.60 3.93 25.50
CA VAL A 79 3.97 4.66 26.70
C VAL A 79 4.02 6.16 26.46
N ARG A 80 4.34 6.57 25.23
CA ARG A 80 4.38 7.99 24.90
C ARG A 80 3.00 8.64 24.97
N GLN A 81 1.93 7.83 24.97
CA GLN A 81 0.59 8.39 25.13
C GLN A 81 0.25 8.74 26.58
N ILE A 82 1.01 8.26 27.54
CA ILE A 82 0.73 8.54 28.94
C ILE A 82 1.45 9.84 29.30
N ALA A 83 0.92 10.96 28.79
CA ALA A 83 1.53 12.27 28.90
C ALA A 83 0.47 13.29 28.54
N PRO A 84 0.49 14.46 29.17
CA PRO A 84 -0.54 15.46 28.85
C PRO A 84 -0.50 15.87 27.38
N GLY A 85 -1.67 16.08 26.82
CA GLY A 85 -1.78 16.55 25.46
C GLY A 85 -1.63 15.51 24.37
N GLN A 86 -1.61 14.23 24.72
CA GLN A 86 -1.41 13.17 23.75
C GLN A 86 -2.73 12.56 23.31
N THR A 87 -2.70 11.91 22.13
CA THR A 87 -3.85 11.23 21.57
C THR A 87 -3.42 9.83 21.15
N GLY A 88 -4.41 8.98 20.90
CA GLY A 88 -4.17 7.59 20.55
C GLY A 88 -5.21 6.71 21.19
N LYS A 89 -5.24 5.42 20.84
CA LYS A 89 -6.25 4.53 21.38
C LYS A 89 -6.19 4.48 22.92
N ILE A 90 -5.00 4.56 23.48
CA ILE A 90 -4.87 4.51 24.95
C ILE A 90 -5.33 5.83 25.57
N ALA A 91 -4.73 6.94 25.14
CA ALA A 91 -5.10 8.24 25.69
C ALA A 91 -6.57 8.58 25.42
N ASP A 92 -7.08 8.17 24.25
CA ASP A 92 -8.44 8.54 23.88
C ASP A 92 -9.48 7.67 24.56
N TYR A 93 -9.22 6.38 24.68
CA TYR A 93 -10.25 5.44 25.07
C TYR A 93 -9.93 4.60 26.31
N ASN A 94 -8.77 4.79 26.92
CA ASN A 94 -8.42 3.96 28.06
C ASN A 94 -7.96 4.75 29.28
N TYR A 95 -6.96 5.61 29.14
CA TYR A 95 -6.45 6.37 30.29
C TYR A 95 -5.95 7.72 29.83
N LYS A 96 -6.59 8.78 30.29
CA LYS A 96 -6.38 10.13 29.78
C LYS A 96 -5.81 11.01 30.86
N LEU A 97 -4.69 11.65 30.57
CA LEU A 97 -4.16 12.66 31.49
C LEU A 97 -4.63 14.06 31.08
N PRO A 98 -4.86 14.94 32.05
CA PRO A 98 -5.29 16.30 31.72
C PRO A 98 -4.13 17.15 31.22
N ASP A 99 -4.49 18.20 30.46
CA ASP A 99 -3.48 19.12 29.95
C ASP A 99 -2.68 19.77 31.07
N ASP A 100 -3.32 20.01 32.21
CA ASP A 100 -2.71 20.69 33.35
C ASP A 100 -2.16 19.70 34.36
N PHE A 101 -1.77 18.52 33.92
CA PHE A 101 -1.29 17.48 34.81
C PHE A 101 -0.07 17.94 35.60
N THR A 102 -0.09 17.69 36.90
CA THR A 102 1.07 17.86 37.75
C THR A 102 1.36 16.51 38.41
N GLY A 103 2.50 15.94 38.08
CA GLY A 103 2.83 14.60 38.56
C GLY A 103 3.94 14.01 37.71
N CYS A 104 4.13 12.70 37.88
CA CYS A 104 5.17 11.97 37.18
C CYS A 104 4.64 10.67 36.60
N VAL A 105 5.16 10.32 35.41
CA VAL A 105 4.84 9.07 34.73
C VAL A 105 6.07 8.18 34.81
N ILE A 106 5.92 7.01 35.38
CA ILE A 106 7.01 6.06 35.56
C ILE A 106 6.64 4.75 34.86
N ALA A 107 7.57 4.25 34.05
CA ALA A 107 7.32 3.01 33.31
C ALA A 107 8.59 2.17 33.24
N TRP A 108 8.41 0.86 33.12
CA TRP A 108 9.52 -0.06 32.92
C TRP A 108 9.04 -1.29 32.16
N ASN A 109 9.97 -1.88 31.43
CA ASN A 109 9.69 -3.08 30.65
C ASN A 109 9.42 -4.27 31.56
N SER A 110 8.31 -4.96 31.32
CA SER A 110 7.90 -6.08 32.16
C SER A 110 7.75 -7.37 31.34
N ASN A 111 8.56 -7.50 30.29
CA ASN A 111 8.51 -8.69 29.45
C ASN A 111 8.72 -9.97 30.25
N ASN A 112 9.64 -9.94 31.22
CA ASN A 112 9.92 -11.13 32.02
CA ASN A 112 9.91 -11.13 32.01
C ASN A 112 8.76 -11.50 32.93
N LEU A 113 7.87 -10.56 33.23
CA LEU A 113 6.76 -10.77 34.14
C LEU A 113 5.43 -10.97 33.46
N ASP A 114 5.18 -10.24 32.36
CA ASP A 114 3.84 -10.14 31.81
C ASP A 114 3.71 -10.80 30.42
N SER A 115 4.79 -11.31 29.85
CA SER A 115 4.74 -12.09 28.63
CA SER A 115 4.74 -12.09 28.63
C SER A 115 4.76 -13.57 28.99
N LYS A 116 4.18 -14.40 28.12
CA LYS A 116 4.13 -15.84 28.31
C LYS A 116 4.25 -16.50 26.95
N VAL A 117 5.03 -17.59 26.91
CA VAL A 117 5.10 -18.39 25.70
C VAL A 117 3.68 -18.84 25.35
N GLY A 118 3.32 -18.71 24.09
CA GLY A 118 1.97 -18.93 23.65
C GLY A 118 1.05 -17.73 23.79
N GLY A 119 1.51 -16.68 24.49
CA GLY A 119 0.74 -15.46 24.61
C GLY A 119 0.02 -15.33 25.93
N ASN A 120 0.25 -14.21 26.62
CA ASN A 120 -0.55 -13.85 27.80
C ASN A 120 -1.70 -12.95 27.35
N TYR A 121 -2.93 -13.41 27.56
CA TYR A 121 -4.11 -12.69 27.11
C TYR A 121 -4.91 -12.09 28.26
N ASN A 122 -4.31 -11.98 29.44
CA ASN A 122 -5.00 -11.40 30.58
C ASN A 122 -5.09 -9.88 30.51
N TYR A 123 -4.19 -9.22 29.79
CA TYR A 123 -4.18 -7.77 29.69
C TYR A 123 -4.98 -7.29 28.50
N LEU A 124 -5.89 -6.35 28.73
CA LEU A 124 -6.78 -5.85 27.70
C LEU A 124 -6.67 -4.35 27.56
N TYR A 125 -7.19 -3.84 26.44
CA TYR A 125 -7.37 -2.42 26.20
C TYR A 125 -8.67 -2.22 25.40
N ARG A 126 -9.28 -1.06 25.58
CA ARG A 126 -10.52 -0.75 24.87
C ARG A 126 -10.16 -0.25 23.47
N LEU A 127 -10.71 -0.90 22.46
CA LEU A 127 -10.48 -0.53 21.06
C LEU A 127 -11.56 0.41 20.53
N PHE A 128 -12.81 0.19 20.93
CA PHE A 128 -13.96 0.90 20.39
C PHE A 128 -14.63 1.73 21.47
N ARG A 129 -14.77 3.02 21.20
CA ARG A 129 -15.55 3.94 22.06
C ARG A 129 -16.01 5.09 21.20
N LYS A 130 -17.28 5.47 21.32
CA LYS A 130 -17.82 6.54 20.48
C LYS A 130 -17.13 7.87 20.72
N SER A 131 -16.74 8.15 21.97
CA SER A 131 -16.18 9.44 22.35
C SER A 131 -14.93 9.25 23.20
N ASN A 132 -14.09 10.29 23.21
CA ASN A 132 -12.88 10.26 24.01
C ASN A 132 -13.21 10.30 25.51
N LEU A 133 -12.31 9.74 26.30
CA LEU A 133 -12.42 9.79 27.74
C LEU A 133 -12.14 11.20 28.24
N LYS A 134 -12.84 11.62 29.28
CA LYS A 134 -12.40 12.77 30.04
C LYS A 134 -11.20 12.38 30.88
N PRO A 135 -10.42 13.36 31.33
CA PRO A 135 -9.25 13.05 32.16
C PRO A 135 -9.62 12.24 33.40
N PHE A 136 -8.79 11.24 33.71
CA PHE A 136 -8.98 10.36 34.85
C PHE A 136 -10.35 9.71 34.84
N GLU A 137 -10.92 9.47 33.64
CA GLU A 137 -12.13 8.70 33.51
C GLU A 137 -11.78 7.22 33.28
N ARG A 138 -12.63 6.34 33.78
CA ARG A 138 -12.39 4.92 33.80
C ARG A 138 -13.66 4.23 33.34
N ASP A 139 -13.61 3.62 32.14
CA ASP A 139 -14.76 2.98 31.53
C ASP A 139 -14.52 1.48 31.53
N ILE A 140 -15.39 0.74 32.23
CA ILE A 140 -15.26 -0.70 32.34
C ILE A 140 -16.46 -1.43 31.74
N SER A 141 -17.28 -0.74 30.96
CA SER A 141 -18.39 -1.43 30.33
C SER A 141 -17.86 -2.40 29.26
N THR A 142 -18.67 -3.42 28.98
CA THR A 142 -18.38 -4.40 27.95
C THR A 142 -19.56 -4.52 26.99
N GLU A 143 -20.31 -3.45 26.81
CA GLU A 143 -21.41 -3.43 25.87
C GLU A 143 -20.87 -3.65 24.46
N ILE A 144 -21.64 -4.37 23.65
CA ILE A 144 -21.27 -4.55 22.24
C ILE A 144 -21.30 -3.21 21.54
N TYR A 145 -20.25 -2.90 20.78
CA TYR A 145 -20.11 -1.62 20.12
C TYR A 145 -20.83 -1.62 18.77
N GLN A 146 -21.71 -0.65 18.58
CA GLN A 146 -22.56 -0.56 17.40
C GLN A 146 -21.89 0.38 16.40
N ALA A 147 -21.22 -0.20 15.40
CA ALA A 147 -20.49 0.57 14.41
C ALA A 147 -21.35 0.93 13.19
N GLY A 148 -22.62 0.53 13.18
CA GLY A 148 -23.54 0.91 12.13
C GLY A 148 -24.87 1.35 12.70
N SER A 149 -25.90 1.37 11.87
CA SER A 149 -27.22 1.82 12.30
C SER A 149 -28.11 0.70 12.81
N THR A 150 -27.73 -0.55 12.64
CA THR A 150 -28.58 -1.63 13.15
C THR A 150 -28.16 -2.00 14.58
N PRO A 151 -29.11 -2.08 15.51
CA PRO A 151 -28.74 -2.40 16.88
C PRO A 151 -28.14 -3.80 16.99
N CYS A 152 -27.23 -3.96 17.96
CA CYS A 152 -26.53 -5.22 18.13
C CYS A 152 -27.27 -6.20 19.03
N ASN A 153 -28.01 -5.70 20.01
CA ASN A 153 -28.81 -6.55 20.90
C ASN A 153 -27.95 -7.65 21.51
N GLY A 154 -26.77 -7.25 22.00
CA GLY A 154 -25.90 -8.14 22.72
C GLY A 154 -25.23 -9.22 21.90
N VAL A 155 -25.33 -9.16 20.57
CA VAL A 155 -24.83 -10.21 19.70
C VAL A 155 -23.69 -9.65 18.86
N GLU A 156 -22.51 -10.25 19.01
CA GLU A 156 -21.38 -9.90 18.17
C GLU A 156 -21.65 -10.28 16.73
N GLY A 157 -21.17 -9.47 15.80
CA GLY A 157 -21.40 -9.74 14.39
C GLY A 157 -20.85 -8.59 13.55
N PHE A 158 -21.33 -8.53 12.31
CA PHE A 158 -20.94 -7.41 11.45
C PHE A 158 -21.36 -6.09 12.08
N ASN A 159 -20.45 -5.13 12.11
CA ASN A 159 -20.69 -3.82 12.72
C ASN A 159 -21.11 -3.93 14.19
N CYS A 160 -20.82 -5.04 14.84
CA CYS A 160 -21.23 -5.28 16.23
C CYS A 160 -20.06 -5.97 16.93
N TYR A 161 -19.24 -5.16 17.61
CA TYR A 161 -17.92 -5.60 18.06
C TYR A 161 -17.81 -5.54 19.57
N PHE A 162 -17.22 -6.57 20.14
CA PHE A 162 -16.79 -6.52 21.52
C PHE A 162 -15.77 -5.40 21.67
N PRO A 163 -15.93 -4.50 22.65
CA PRO A 163 -15.10 -3.29 22.66
C PRO A 163 -13.67 -3.49 23.11
N LEU A 164 -13.35 -4.59 23.79
CA LEU A 164 -12.04 -4.82 24.35
C LEU A 164 -11.27 -5.84 23.53
N GLN A 165 -9.97 -5.64 23.41
CA GLN A 165 -9.07 -6.54 22.74
C GLN A 165 -7.90 -6.87 23.65
N SER A 166 -7.30 -8.03 23.44
CA SER A 166 -6.19 -8.49 24.26
C SER A 166 -4.85 -8.20 23.59
N TYR A 167 -3.87 -7.81 24.39
CA TYR A 167 -2.53 -7.59 23.88
C TYR A 167 -1.87 -8.90 23.48
N GLY A 168 -2.12 -9.97 24.22
CA GLY A 168 -1.48 -11.25 23.94
C GLY A 168 0.05 -11.19 23.90
N PHE A 169 0.66 -10.71 24.98
CA PHE A 169 2.10 -10.51 25.00
C PHE A 169 2.85 -11.84 24.91
N GLN A 170 3.82 -11.93 23.98
CA GLN A 170 4.71 -13.03 23.85
C GLN A 170 6.14 -12.58 24.06
N PRO A 171 6.99 -13.38 24.71
CA PRO A 171 8.35 -12.90 25.03
C PRO A 171 9.19 -12.59 23.82
N THR A 172 8.88 -13.18 22.67
CA THR A 172 9.62 -12.92 21.44
C THR A 172 9.21 -11.64 20.74
N ASN A 173 8.26 -10.89 21.30
CA ASN A 173 7.80 -9.65 20.69
C ASN A 173 8.95 -8.66 20.56
N GLY A 174 8.92 -7.89 19.47
CA GLY A 174 9.70 -6.67 19.45
C GLY A 174 9.34 -5.76 20.60
N VAL A 175 10.29 -4.90 20.98
CA VAL A 175 10.15 -4.11 22.21
C VAL A 175 8.89 -3.27 22.19
N GLY A 176 8.56 -2.68 21.03
CA GLY A 176 7.35 -1.88 20.95
C GLY A 176 6.08 -2.65 21.19
N TYR A 177 6.12 -3.97 21.01
CA TYR A 177 5.01 -4.86 21.31
C TYR A 177 5.13 -5.53 22.70
N GLN A 178 6.18 -5.25 23.43
CA GLN A 178 6.36 -5.86 24.75
C GLN A 178 5.56 -5.11 25.80
N PRO A 179 5.25 -5.78 26.92
CA PRO A 179 4.48 -5.10 27.98
C PRO A 179 5.35 -4.17 28.82
N TYR A 180 4.78 -3.04 29.18
CA TYR A 180 5.42 -2.09 30.08
C TYR A 180 4.48 -1.84 31.24
N ARG A 181 5.03 -1.92 32.45
CA ARG A 181 4.29 -1.53 33.65
C ARG A 181 4.43 -0.03 33.84
N VAL A 182 3.31 0.62 34.15
CA VAL A 182 3.24 2.07 34.24
C VAL A 182 2.64 2.43 35.60
N VAL A 183 3.24 3.42 36.24
CA VAL A 183 2.68 4.02 37.46
C VAL A 183 2.62 5.51 37.23
N VAL A 184 1.43 6.09 37.44
CA VAL A 184 1.23 7.53 37.30
C VAL A 184 1.00 8.13 38.70
N LEU A 185 1.92 8.97 39.12
CA LEU A 185 1.80 9.70 40.39
C LEU A 185 1.27 11.10 40.08
N SER A 186 0.06 11.39 40.55
CA SER A 186 -0.55 12.70 40.39
C SER A 186 -0.65 13.37 41.76
N PHE A 187 -0.30 14.65 41.82
CA PHE A 187 -0.29 15.41 43.06
C PHE A 187 -1.28 16.57 42.98
N GLU A 188 -2.13 16.71 43.98
CA GLU A 188 -2.91 17.92 44.19
C GLU A 188 -1.97 18.96 44.80
N LEU A 189 -1.42 19.82 43.96
CA LEU A 189 -0.41 20.79 44.39
C LEU A 189 -0.04 21.75 43.27
N ASP B 1 12.36 0.61 13.36
CA ASP B 1 11.06 0.39 12.62
C ASP B 1 11.03 -1.04 12.10
N ILE B 2 9.90 -1.71 12.26
CA ILE B 2 9.79 -3.11 11.84
C ILE B 2 9.54 -3.15 10.33
N VAL B 3 10.29 -4.04 9.66
CA VAL B 3 10.24 -4.17 8.20
C VAL B 3 9.49 -5.44 7.84
N MET B 4 8.50 -5.31 6.96
CA MET B 4 7.77 -6.45 6.44
C MET B 4 8.31 -6.80 5.05
N THR B 5 8.65 -8.07 4.87
CA THR B 5 9.10 -8.59 3.57
C THR B 5 8.21 -9.76 3.17
N GLN B 6 8.12 -10.00 1.86
CA GLN B 6 7.35 -11.10 1.32
C GLN B 6 8.20 -11.88 0.32
N SER B 7 8.12 -13.19 0.39
CA SER B 7 8.84 -14.11 -0.47
C SER B 7 7.90 -15.20 -0.96
N PRO B 8 7.95 -15.53 -2.26
CA PRO B 8 8.71 -14.90 -3.36
C PRO B 8 7.99 -13.67 -3.88
N SER B 9 8.69 -12.80 -4.61
CA SER B 9 8.01 -11.67 -5.24
C SER B 9 7.09 -12.11 -6.36
N PHE B 10 7.43 -13.20 -7.03
CA PHE B 10 6.66 -13.71 -8.15
C PHE B 10 6.56 -15.23 -8.05
N LEU B 11 5.39 -15.76 -8.32
CA LEU B 11 5.15 -17.20 -8.22
C LEU B 11 4.29 -17.64 -9.41
N SER B 12 4.69 -18.72 -10.05
CA SER B 12 3.93 -19.35 -11.11
C SER B 12 3.33 -20.66 -10.62
N ALA B 13 2.04 -20.84 -10.85
CA ALA B 13 1.36 -22.03 -10.39
C ALA B 13 0.23 -22.38 -11.35
N SER B 14 -0.25 -23.62 -11.23
CA SER B 14 -1.35 -24.12 -12.03
C SER B 14 -2.57 -24.37 -11.16
N VAL B 15 -3.74 -24.39 -11.80
CA VAL B 15 -4.97 -24.73 -11.11
C VAL B 15 -4.82 -26.09 -10.45
N GLY B 16 -5.24 -26.18 -9.18
CA GLY B 16 -5.11 -27.38 -8.40
C GLY B 16 -3.88 -27.45 -7.54
N ASP B 17 -2.88 -26.61 -7.80
CA ASP B 17 -1.65 -26.62 -7.03
C ASP B 17 -1.89 -26.10 -5.61
N ARG B 18 -0.97 -26.47 -4.72
CA ARG B 18 -0.88 -25.94 -3.37
C ARG B 18 0.12 -24.80 -3.38
N VAL B 19 -0.30 -23.64 -2.90
CA VAL B 19 0.50 -22.42 -2.98
C VAL B 19 0.75 -21.89 -1.58
N THR B 20 2.00 -21.57 -1.28
CA THR B 20 2.37 -20.97 0.00
C THR B 20 3.18 -19.71 -0.25
N ILE B 21 2.70 -18.59 0.27
CA ILE B 21 3.38 -17.30 0.26
C ILE B 21 3.81 -16.99 1.69
N THR B 22 5.01 -16.47 1.85
CA THR B 22 5.52 -16.15 3.18
CA THR B 22 5.53 -16.15 3.17
C THR B 22 5.68 -14.65 3.35
N CYS B 23 5.49 -14.20 4.60
CA CYS B 23 5.63 -12.82 4.99
C CYS B 23 6.46 -12.81 6.25
N ARG B 24 7.46 -11.93 6.30
CA ARG B 24 8.45 -11.92 7.37
C ARG B 24 8.47 -10.56 8.06
N ALA B 25 8.68 -10.59 9.38
CA ALA B 25 8.80 -9.39 10.19
C ALA B 25 10.18 -9.37 10.83
N SER B 26 10.86 -8.23 10.74
CA SER B 26 12.20 -8.11 11.30
C SER B 26 12.23 -8.24 12.83
N GLN B 27 11.10 -8.01 13.49
CA GLN B 27 10.97 -8.26 14.93
C GLN B 27 9.68 -9.01 15.18
N GLY B 28 9.57 -9.61 16.37
CA GLY B 28 8.38 -10.35 16.74
C GLY B 28 7.13 -9.49 16.79
N ILE B 29 6.05 -9.95 16.12
CA ILE B 29 4.80 -9.20 16.10
C ILE B 29 3.65 -10.09 16.49
N SER B 30 3.93 -11.16 17.24
CA SER B 30 2.89 -12.07 17.73
CA SER B 30 2.89 -12.07 17.73
C SER B 30 2.05 -12.50 16.53
N SER B 31 0.72 -12.38 16.60
CA SER B 31 -0.16 -12.72 15.49
CA SER B 31 -0.16 -12.72 15.50
C SER B 31 -0.78 -11.49 14.85
N TYR B 32 -0.05 -10.37 14.85
CA TYR B 32 -0.56 -9.10 14.33
C TYR B 32 -0.30 -8.99 12.83
N LEU B 33 -1.05 -9.77 12.06
CA LEU B 33 -0.83 -9.90 10.63
C LEU B 33 -2.15 -10.13 9.92
N ALA B 34 -2.36 -9.42 8.80
CA ALA B 34 -3.48 -9.66 7.91
C ALA B 34 -2.97 -9.89 6.49
N TRP B 35 -3.79 -10.59 5.69
CA TRP B 35 -3.50 -10.90 4.29
C TRP B 35 -4.60 -10.37 3.42
N TYR B 36 -4.22 -9.86 2.22
CA TYR B 36 -5.18 -9.33 1.28
C TYR B 36 -4.88 -9.92 -0.11
N GLN B 37 -5.92 -10.05 -0.92
CA GLN B 37 -5.82 -10.37 -2.32
C GLN B 37 -6.23 -9.14 -3.11
N GLN B 38 -5.44 -8.80 -4.16
CA GLN B 38 -5.80 -7.71 -5.02
C GLN B 38 -5.64 -8.12 -6.50
N LYS B 39 -6.62 -7.85 -7.27
CA LYS B 39 -6.62 -7.99 -8.72
C LYS B 39 -6.49 -6.63 -9.37
N PRO B 40 -5.90 -6.58 -10.57
CA PRO B 40 -5.60 -5.29 -11.19
C PRO B 40 -6.82 -4.38 -11.29
N GLY B 41 -6.64 -3.13 -10.91
CA GLY B 41 -7.71 -2.15 -10.98
C GLY B 41 -8.83 -2.33 -10.00
N LYS B 42 -8.73 -3.29 -9.08
CA LYS B 42 -9.74 -3.51 -8.05
C LYS B 42 -9.17 -3.20 -6.67
N ALA B 43 -10.07 -2.92 -5.74
CA ALA B 43 -9.64 -2.73 -4.35
C ALA B 43 -9.13 -4.06 -3.79
N PRO B 44 -8.21 -4.02 -2.83
CA PRO B 44 -7.82 -5.25 -2.15
C PRO B 44 -9.01 -5.89 -1.44
N LYS B 45 -8.86 -7.17 -1.15
CA LYS B 45 -9.88 -7.96 -0.48
C LYS B 45 -9.26 -8.62 0.75
N LEU B 46 -9.87 -8.40 1.92
CA LEU B 46 -9.36 -9.00 3.15
C LEU B 46 -9.60 -10.51 3.16
N LEU B 47 -8.54 -11.27 3.34
CA LEU B 47 -8.60 -12.72 3.39
C LEU B 47 -8.49 -13.26 4.82
N ILE B 48 -7.48 -12.78 5.54
CA ILE B 48 -7.07 -13.32 6.82
C ILE B 48 -6.75 -12.15 7.74
N TYR B 49 -7.08 -12.28 9.03
CA TYR B 49 -6.64 -11.34 10.04
C TYR B 49 -6.27 -12.12 11.30
N ALA B 50 -5.51 -11.46 12.17
CA ALA B 50 -4.96 -12.11 13.35
C ALA B 50 -4.13 -13.34 12.97
N ALA B 51 -3.52 -13.28 11.78
CA ALA B 51 -2.60 -14.30 11.27
C ALA B 51 -3.28 -15.56 10.77
N SER B 52 -4.36 -16.01 11.43
CA SER B 52 -4.98 -17.28 11.04
C SER B 52 -6.49 -17.25 10.97
N THR B 53 -7.13 -16.13 11.23
CA THR B 53 -8.60 -16.07 11.25
C THR B 53 -9.11 -15.73 9.85
N LEU B 54 -9.89 -16.65 9.29
CA LEU B 54 -10.46 -16.48 7.96
C LEU B 54 -11.58 -15.46 7.97
N GLN B 55 -11.46 -14.45 7.10
CA GLN B 55 -12.52 -13.46 6.97
C GLN B 55 -13.78 -14.14 6.44
N SER B 56 -14.93 -13.69 6.95
CA SER B 56 -16.19 -14.27 6.52
C SER B 56 -16.41 -14.06 5.02
N GLY B 57 -16.94 -15.07 4.36
CA GLY B 57 -17.17 -15.00 2.93
C GLY B 57 -16.00 -15.41 2.08
N VAL B 58 -14.88 -15.76 2.68
CA VAL B 58 -13.67 -16.13 1.96
C VAL B 58 -13.60 -17.64 1.88
N PRO B 59 -13.33 -18.22 0.71
CA PRO B 59 -13.33 -19.69 0.59
C PRO B 59 -12.36 -20.35 1.55
N SER B 60 -12.71 -21.57 1.95
CA SER B 60 -11.96 -22.30 2.97
C SER B 60 -10.57 -22.71 2.50
N ARG B 61 -10.32 -22.72 1.18
CA ARG B 61 -8.98 -23.11 0.72
C ARG B 61 -7.91 -22.11 1.10
N PHE B 62 -8.29 -20.90 1.51
CA PHE B 62 -7.35 -19.93 2.06
C PHE B 62 -7.17 -20.19 3.54
N SER B 63 -5.92 -20.26 3.99
CA SER B 63 -5.64 -20.36 5.41
C SER B 63 -4.34 -19.63 5.71
N GLY B 64 -4.25 -19.13 6.95
CA GLY B 64 -3.07 -18.43 7.40
C GLY B 64 -2.46 -19.12 8.60
N SER B 65 -1.18 -18.90 8.83
CA SER B 65 -0.49 -19.56 9.92
C SER B 65 0.76 -18.78 10.28
N GLY B 66 1.25 -19.02 11.50
CA GLY B 66 2.45 -18.38 11.98
C GLY B 66 2.22 -17.48 13.16
N SER B 67 3.30 -17.18 13.89
CA SER B 67 3.24 -16.27 15.03
C SER B 67 4.68 -15.85 15.33
N GLY B 68 4.89 -14.56 15.52
CA GLY B 68 6.22 -14.04 15.78
C GLY B 68 6.81 -13.28 14.61
N THR B 69 7.69 -13.95 13.83
CA THR B 69 8.37 -13.31 12.73
C THR B 69 8.12 -13.97 11.36
N GLU B 70 7.50 -15.15 11.32
CA GLU B 70 7.35 -15.93 10.10
C GLU B 70 5.89 -16.30 9.90
N PHE B 71 5.31 -15.82 8.81
CA PHE B 71 3.89 -16.02 8.53
C PHE B 71 3.70 -16.59 7.14
N THR B 72 2.64 -17.36 6.97
CA THR B 72 2.39 -18.09 5.73
C THR B 72 0.93 -18.00 5.33
N LEU B 73 0.69 -17.65 4.06
CA LEU B 73 -0.63 -17.78 3.45
C LEU B 73 -0.59 -19.01 2.53
N THR B 74 -1.51 -19.94 2.75
CA THR B 74 -1.60 -21.15 1.94
C THR B 74 -2.93 -21.19 1.21
N ILE B 75 -2.87 -21.52 -0.08
CA ILE B 75 -4.05 -21.83 -0.89
C ILE B 75 -3.95 -23.31 -1.21
N SER B 76 -4.89 -24.09 -0.68
CA SER B 76 -4.74 -25.54 -0.69
C SER B 76 -4.85 -26.09 -2.12
N SER B 77 -5.85 -25.65 -2.86
CA SER B 77 -6.04 -26.02 -4.27
C SER B 77 -6.33 -24.75 -5.06
N LEU B 78 -5.34 -24.26 -5.79
CA LEU B 78 -5.49 -23.04 -6.55
C LEU B 78 -6.62 -23.14 -7.58
N GLN B 79 -7.45 -22.12 -7.62
CA GLN B 79 -8.53 -21.99 -8.59
C GLN B 79 -8.25 -20.86 -9.57
N PRO B 80 -8.91 -20.86 -10.73
CA PRO B 80 -8.62 -19.84 -11.74
C PRO B 80 -8.75 -18.41 -11.23
N GLU B 81 -9.67 -18.17 -10.29
CA GLU B 81 -9.92 -16.82 -9.79
C GLU B 81 -8.93 -16.41 -8.71
N ASP B 82 -7.92 -17.21 -8.42
CA ASP B 82 -6.93 -16.93 -7.39
C ASP B 82 -5.67 -16.30 -7.94
N PHE B 83 -5.50 -16.27 -9.26
CA PHE B 83 -4.35 -15.59 -9.85
C PHE B 83 -4.51 -14.08 -9.62
N ALA B 84 -3.58 -13.52 -8.87
CA ALA B 84 -3.73 -12.19 -8.29
C ALA B 84 -2.45 -11.83 -7.54
N THR B 85 -2.40 -10.63 -6.98
CA THR B 85 -1.31 -10.22 -6.11
C THR B 85 -1.80 -10.30 -4.66
N TYR B 86 -0.93 -10.76 -3.78
CA TYR B 86 -1.26 -10.98 -2.37
C TYR B 86 -0.33 -10.15 -1.50
N TYR B 87 -0.94 -9.40 -0.55
CA TYR B 87 -0.22 -8.51 0.33
C TYR B 87 -0.44 -8.92 1.78
N CYS B 88 0.60 -8.92 2.57
CA CYS B 88 0.47 -9.00 4.02
C CYS B 88 0.49 -7.59 4.59
N GLN B 89 0.03 -7.48 5.84
CA GLN B 89 -0.06 -6.19 6.49
C GLN B 89 0.18 -6.39 7.98
N GLN B 90 1.12 -5.64 8.54
CA GLN B 90 1.40 -5.65 9.98
C GLN B 90 0.33 -4.88 10.70
N LEU B 91 -0.32 -5.51 11.68
CA LEU B 91 -1.40 -4.89 12.44
C LEU B 91 -0.85 -4.15 13.65
N ASN B 92 -1.49 -3.02 13.98
CA ASN B 92 -1.13 -2.19 15.13
C ASN B 92 0.35 -1.79 15.11
N SER B 93 0.85 -1.48 13.92
CA SER B 93 2.26 -1.17 13.77
C SER B 93 2.52 0.31 14.04
N TYR B 94 3.80 0.63 14.22
CA TYR B 94 4.26 1.98 14.53
C TYR B 94 5.47 2.24 13.65
N PRO B 95 5.32 3.04 12.57
CA PRO B 95 4.15 3.77 12.09
C PRO B 95 2.97 2.89 11.66
N PRO B 96 1.78 3.48 11.49
CA PRO B 96 0.59 2.67 11.24
C PRO B 96 0.56 2.06 9.85
N PHE B 97 -0.12 0.91 9.77
CA PHE B 97 -0.58 0.33 8.52
C PHE B 97 0.56 0.08 7.53
N THR B 98 1.58 -0.61 8.02
CA THR B 98 2.69 -1.03 7.16
C THR B 98 2.25 -2.24 6.33
N PHE B 99 2.39 -2.13 5.02
CA PHE B 99 2.07 -3.21 4.11
C PHE B 99 3.36 -3.88 3.65
N GLY B 100 3.27 -5.19 3.36
CA GLY B 100 4.30 -5.88 2.65
C GLY B 100 4.27 -5.48 1.18
N PRO B 101 5.33 -5.82 0.43
CA PRO B 101 5.45 -5.36 -0.97
C PRO B 101 4.71 -6.21 -1.97
N GLY B 102 4.18 -7.38 -1.59
CA GLY B 102 3.30 -8.10 -2.49
C GLY B 102 3.97 -9.29 -3.16
N THR B 103 3.16 -10.29 -3.49
CA THR B 103 3.57 -11.48 -4.23
C THR B 103 2.58 -11.68 -5.35
N LYS B 104 3.05 -11.66 -6.59
CA LYS B 104 2.18 -11.85 -7.74
C LYS B 104 2.19 -13.32 -8.16
N VAL B 105 1.01 -13.91 -8.23
CA VAL B 105 0.83 -15.30 -8.64
C VAL B 105 0.27 -15.29 -10.06
N ASP B 106 1.00 -15.90 -10.99
CA ASP B 106 0.60 -15.97 -12.39
C ASP B 106 0.47 -17.44 -12.81
N ILE B 107 -0.03 -17.63 -14.04
CA ILE B 107 -0.35 -18.96 -14.53
C ILE B 107 0.92 -19.60 -15.11
N LYS B 108 1.23 -20.80 -14.65
CA LYS B 108 2.37 -21.54 -15.14
C LYS B 108 2.05 -22.19 -16.48
N ARG B 109 3.03 -22.21 -17.36
CA ARG B 109 2.96 -22.89 -18.65
C ARG B 109 4.39 -23.22 -19.06
N THR B 110 4.54 -23.92 -20.18
CA THR B 110 5.87 -24.30 -20.62
C THR B 110 6.63 -23.10 -21.17
N VAL B 111 7.95 -23.18 -21.11
CA VAL B 111 8.78 -22.09 -21.56
C VAL B 111 8.52 -21.85 -23.05
N ALA B 112 8.45 -20.56 -23.42
CA ALA B 112 8.20 -20.15 -24.80
C ALA B 112 9.14 -18.99 -25.09
N ALA B 113 10.02 -19.17 -26.07
CA ALA B 113 10.97 -18.12 -26.40
C ALA B 113 10.25 -17.00 -27.14
N PRO B 114 10.72 -15.76 -26.97
CA PRO B 114 10.06 -14.64 -27.65
C PRO B 114 10.42 -14.57 -29.13
N SER B 115 9.49 -14.08 -29.91
CA SER B 115 9.74 -13.61 -31.28
CA SER B 115 9.74 -13.61 -31.27
C SER B 115 10.16 -12.15 -31.19
N VAL B 116 11.34 -11.83 -31.70
CA VAL B 116 11.92 -10.50 -31.56
C VAL B 116 11.87 -9.75 -32.89
N PHE B 117 11.44 -8.49 -32.81
CA PHE B 117 11.37 -7.60 -33.96
C PHE B 117 11.93 -6.24 -33.56
N ILE B 118 12.65 -5.60 -34.47
CA ILE B 118 13.17 -4.26 -34.25
C ILE B 118 12.58 -3.32 -35.29
N PHE B 119 12.19 -2.11 -34.86
CA PHE B 119 11.58 -1.12 -35.74
C PHE B 119 12.42 0.14 -35.73
N PRO B 120 12.91 0.61 -36.87
CA PRO B 120 13.59 1.91 -36.90
C PRO B 120 12.61 3.03 -36.71
N PRO B 121 13.10 4.23 -36.43
CA PRO B 121 12.20 5.40 -36.37
C PRO B 121 11.63 5.71 -37.74
N SER B 122 10.38 6.13 -37.77
CA SER B 122 9.74 6.52 -39.01
C SER B 122 10.33 7.84 -39.51
N ASP B 123 10.28 8.00 -40.84
CA ASP B 123 10.72 9.26 -41.43
C ASP B 123 9.90 10.44 -40.91
N GLU B 124 8.61 10.22 -40.67
CA GLU B 124 7.75 11.29 -40.17
CA GLU B 124 7.75 11.30 -40.17
C GLU B 124 8.25 11.80 -38.82
N GLN B 125 8.55 10.88 -37.89
CA GLN B 125 9.02 11.29 -36.56
C GLN B 125 10.35 12.01 -36.67
N LEU B 126 11.23 11.53 -37.57
CA LEU B 126 12.53 12.16 -37.73
C LEU B 126 12.42 13.58 -38.26
N LYS B 127 11.38 13.87 -39.05
CA LYS B 127 11.16 15.26 -39.47
C LYS B 127 11.19 16.18 -38.27
N SER B 128 10.41 15.87 -37.24
CA SER B 128 10.53 16.50 -35.93
C SER B 128 11.90 16.12 -35.39
N GLY B 129 12.16 16.45 -34.13
CA GLY B 129 13.53 16.36 -33.66
C GLY B 129 13.99 15.08 -32.99
N THR B 130 13.19 14.01 -32.97
CA THR B 130 13.56 12.86 -32.17
C THR B 130 13.34 11.54 -32.93
N ALA B 131 14.06 10.52 -32.48
CA ALA B 131 14.02 9.18 -33.05
C ALA B 131 13.67 8.19 -31.95
N SER B 132 12.60 7.43 -32.15
CA SER B 132 12.22 6.32 -31.28
C SER B 132 12.53 5.01 -31.99
N VAL B 133 13.40 4.20 -31.39
CA VAL B 133 13.68 2.85 -31.86
C VAL B 133 12.94 1.87 -30.96
N VAL B 134 12.20 0.95 -31.55
CA VAL B 134 11.34 0.05 -30.79
C VAL B 134 11.77 -1.38 -31.01
N CYS B 135 11.90 -2.13 -29.93
CA CYS B 135 12.16 -3.56 -29.96
C CYS B 135 10.97 -4.27 -29.35
N LEU B 136 10.48 -5.30 -30.02
CA LEU B 136 9.29 -6.05 -29.59
C LEU B 136 9.67 -7.48 -29.28
N LEU B 137 9.27 -7.96 -28.10
CA LEU B 137 9.41 -9.36 -27.69
C LEU B 137 8.00 -9.92 -27.61
N ASN B 138 7.66 -10.87 -28.47
CA ASN B 138 6.29 -11.31 -28.59
C ASN B 138 6.06 -12.73 -28.11
N ASN B 139 5.03 -12.89 -27.28
CA ASN B 139 4.48 -14.20 -26.86
C ASN B 139 5.57 -15.10 -26.28
N PHE B 140 6.04 -14.71 -25.09
CA PHE B 140 7.08 -15.45 -24.39
C PHE B 140 6.62 -15.80 -22.98
N TYR B 141 7.30 -16.77 -22.39
CA TYR B 141 7.07 -17.23 -21.02
C TYR B 141 8.34 -17.91 -20.55
N PRO B 142 8.81 -17.67 -19.32
CA PRO B 142 8.24 -16.79 -18.26
C PRO B 142 8.44 -15.30 -18.49
N ARG B 143 7.92 -14.48 -17.57
CA ARG B 143 7.95 -13.03 -17.76
CA ARG B 143 7.95 -13.03 -17.76
C ARG B 143 9.38 -12.49 -17.79
N GLU B 144 10.30 -13.17 -17.12
CA GLU B 144 11.65 -12.63 -16.96
C GLU B 144 12.36 -12.57 -18.30
N ALA B 145 12.73 -11.36 -18.71
CA ALA B 145 13.41 -11.15 -19.99
C ALA B 145 14.26 -9.89 -19.89
N LYS B 146 15.40 -9.93 -20.56
CA LYS B 146 16.36 -8.83 -20.55
C LYS B 146 16.53 -8.31 -21.97
N VAL B 147 16.41 -7.00 -22.14
CA VAL B 147 16.60 -6.31 -23.40
C VAL B 147 17.79 -5.38 -23.26
N GLN B 148 18.82 -5.57 -24.07
CA GLN B 148 19.99 -4.72 -24.07
C GLN B 148 20.08 -3.97 -25.39
N TRP B 149 19.98 -2.64 -25.33
CA TRP B 149 20.17 -1.81 -26.50
C TRP B 149 21.65 -1.58 -26.76
N LYS B 150 22.05 -1.64 -28.03
CA LYS B 150 23.41 -1.38 -28.46
C LYS B 150 23.40 -0.43 -29.64
N VAL B 151 24.32 0.53 -29.66
CA VAL B 151 24.44 1.52 -30.72
C VAL B 151 25.89 1.54 -31.14
N ASP B 152 26.18 1.10 -32.37
CA ASP B 152 27.54 0.83 -32.83
C ASP B 152 28.27 0.06 -31.74
N ASN B 153 27.59 -0.93 -31.15
CA ASN B 153 28.10 -1.84 -30.14
C ASN B 153 28.45 -1.16 -28.81
N ALA B 154 28.02 0.08 -28.61
CA ALA B 154 28.08 0.71 -27.28
C ALA B 154 26.79 0.39 -26.55
N LEU B 155 26.90 -0.27 -25.39
CA LEU B 155 25.73 -0.63 -24.60
C LEU B 155 25.07 0.63 -24.05
N GLN B 156 23.76 0.74 -24.19
CA GLN B 156 23.02 1.95 -23.87
C GLN B 156 22.34 1.81 -22.51
N SER B 157 22.53 2.81 -21.67
CA SER B 157 21.88 2.83 -20.36
C SER B 157 21.29 4.21 -20.10
N GLY B 158 20.05 4.24 -19.67
CA GLY B 158 19.40 5.46 -19.25
C GLY B 158 18.55 6.15 -20.28
N ASN B 159 18.46 5.60 -21.50
CA ASN B 159 17.67 6.22 -22.55
C ASN B 159 16.63 5.26 -23.15
N SER B 160 16.17 4.28 -22.37
CA SER B 160 15.13 3.37 -22.82
C SER B 160 14.09 3.15 -21.73
N GLN B 161 12.86 2.82 -22.16
CA GLN B 161 11.78 2.47 -21.28
C GLN B 161 11.11 1.19 -21.79
N GLU B 162 10.60 0.39 -20.86
CA GLU B 162 9.94 -0.87 -21.17
C GLU B 162 8.49 -0.83 -20.71
N SER B 163 7.64 -1.62 -21.37
CA SER B 163 6.34 -1.94 -20.81
C SER B 163 5.96 -3.36 -21.21
N VAL B 164 5.15 -4.00 -20.36
CA VAL B 164 4.83 -5.41 -20.49
C VAL B 164 3.32 -5.59 -20.43
N THR B 165 2.80 -6.50 -21.24
CA THR B 165 1.38 -6.82 -21.18
C THR B 165 1.11 -7.72 -19.97
N GLU B 166 -0.15 -7.81 -19.59
CA GLU B 166 -0.59 -8.85 -18.68
C GLU B 166 -0.70 -10.16 -19.46
N GLN B 167 -0.53 -11.28 -18.76
CA GLN B 167 -0.36 -12.54 -19.48
C GLN B 167 -1.65 -12.92 -20.21
N ASP B 168 -1.49 -13.37 -21.43
CA ASP B 168 -2.60 -13.50 -22.38
C ASP B 168 -3.61 -14.55 -21.92
N SER B 169 -4.88 -14.29 -22.23
CA SER B 169 -5.94 -15.16 -21.73
C SER B 169 -5.95 -16.52 -22.43
N LYS B 170 -5.55 -16.58 -23.70
CA LYS B 170 -5.61 -17.83 -24.43
C LYS B 170 -4.35 -18.67 -24.22
N ASP B 171 -3.16 -18.08 -24.35
CA ASP B 171 -1.92 -18.84 -24.33
C ASP B 171 -1.02 -18.54 -23.14
N SER B 172 -1.42 -17.66 -22.24
CA SER B 172 -0.69 -17.42 -20.99
C SER B 172 0.74 -16.91 -21.21
N THR B 173 0.99 -16.25 -22.34
CA THR B 173 2.30 -15.68 -22.60
C THR B 173 2.30 -14.18 -22.32
N TYR B 174 3.50 -13.61 -22.32
CA TYR B 174 3.72 -12.18 -22.18
C TYR B 174 4.26 -11.60 -23.50
N SER B 175 4.09 -10.29 -23.65
CA SER B 175 4.76 -9.51 -24.66
C SER B 175 5.33 -8.27 -24.03
N LEU B 176 6.44 -7.80 -24.57
CA LEU B 176 7.20 -6.70 -24.00
C LEU B 176 7.70 -5.82 -25.13
N SER B 177 7.61 -4.51 -24.95
CA SER B 177 8.15 -3.54 -25.88
C SER B 177 9.15 -2.65 -25.16
N SER B 178 10.31 -2.45 -25.75
CA SER B 178 11.33 -1.54 -25.26
C SER B 178 11.54 -0.44 -26.30
N THR B 179 11.62 0.80 -25.83
CA THR B 179 11.78 1.96 -26.71
C THR B 179 13.06 2.71 -26.34
N LEU B 180 13.94 2.87 -27.31
CA LEU B 180 15.14 3.69 -27.18
C LEU B 180 14.88 5.02 -27.84
N THR B 181 15.08 6.12 -27.10
CA THR B 181 14.78 7.46 -27.60
C THR B 181 16.07 8.27 -27.68
N LEU B 182 16.30 8.86 -28.84
CA LEU B 182 17.46 9.69 -29.10
C LEU B 182 16.99 10.95 -29.81
N SER B 183 17.79 12.02 -29.68
CA SER B 183 17.60 13.19 -30.53
C SER B 183 17.96 12.82 -31.98
N LYS B 184 17.37 13.54 -32.92
CA LYS B 184 17.69 13.30 -34.33
C LYS B 184 19.19 13.39 -34.56
N ALA B 185 19.84 14.39 -33.99
CA ALA B 185 21.26 14.58 -34.21
C ALA B 185 22.07 13.42 -33.66
N ASP B 186 21.71 12.93 -32.46
CA ASP B 186 22.42 11.79 -31.90
CA ASP B 186 22.41 11.78 -31.90
C ASP B 186 22.15 10.53 -32.72
N TYR B 187 20.91 10.36 -33.19
CA TYR B 187 20.59 9.21 -34.02
C TYR B 187 21.46 9.17 -35.27
N GLU B 188 21.65 10.31 -35.93
CA GLU B 188 22.40 10.37 -37.18
C GLU B 188 23.90 10.24 -36.98
N LYS B 189 24.39 10.26 -35.73
CA LYS B 189 25.81 10.07 -35.47
C LYS B 189 26.24 8.61 -35.49
N HIS B 190 25.31 7.67 -35.63
CA HIS B 190 25.64 6.25 -35.53
C HIS B 190 24.95 5.46 -36.61
N LYS B 191 25.44 4.24 -36.84
CA LYS B 191 24.97 3.39 -37.93
C LYS B 191 24.17 2.18 -37.43
N VAL B 192 24.76 1.35 -36.59
CA VAL B 192 24.17 0.06 -36.25
C VAL B 192 23.36 0.17 -34.97
N TYR B 193 22.06 -0.10 -35.06
CA TYR B 193 21.13 -0.10 -33.94
C TYR B 193 20.69 -1.54 -33.71
N ALA B 194 20.90 -2.05 -32.48
CA ALA B 194 20.67 -3.44 -32.20
C ALA B 194 19.95 -3.65 -30.88
N CYS B 195 19.09 -4.65 -30.85
CA CYS B 195 18.34 -5.07 -29.67
C CYS B 195 18.74 -6.51 -29.36
N GLU B 196 19.38 -6.72 -28.20
CA GLU B 196 19.85 -8.03 -27.79
C GLU B 196 18.99 -8.56 -26.66
N VAL B 197 18.39 -9.72 -26.85
CA VAL B 197 17.38 -10.25 -25.95
C VAL B 197 17.91 -11.51 -25.29
N THR B 198 17.78 -11.57 -23.98
CA THR B 198 18.12 -12.74 -23.18
C THR B 198 16.84 -13.30 -22.57
N HIS B 199 16.67 -14.62 -22.66
CA HIS B 199 15.48 -15.28 -22.15
C HIS B 199 15.77 -16.74 -21.93
N GLN B 200 15.04 -17.34 -20.98
CA GLN B 200 15.24 -18.74 -20.63
C GLN B 200 15.01 -19.65 -21.81
N GLY B 201 14.06 -19.34 -22.66
CA GLY B 201 13.76 -20.13 -23.85
C GLY B 201 14.75 -20.00 -24.99
N LEU B 202 15.73 -19.11 -24.85
CA LEU B 202 16.76 -18.91 -25.85
C LEU B 202 18.05 -19.56 -25.37
N ARG B 203 18.66 -20.37 -26.24
CA ARG B 203 19.92 -21.02 -25.88
C ARG B 203 21.03 -20.00 -25.70
N SER B 204 21.09 -19.01 -26.59
CA SER B 204 21.99 -17.88 -26.51
C SER B 204 21.22 -16.61 -26.81
N PRO B 205 21.71 -15.46 -26.37
CA PRO B 205 20.98 -14.20 -26.62
C PRO B 205 20.78 -13.97 -28.12
N VAL B 206 19.59 -13.51 -28.47
CA VAL B 206 19.22 -13.22 -29.86
C VAL B 206 19.33 -11.72 -30.10
N THR B 207 19.91 -11.35 -31.23
CA THR B 207 20.09 -9.96 -31.60
C THR B 207 19.36 -9.66 -32.89
N LYS B 208 18.57 -8.60 -32.88
CA LYS B 208 17.93 -8.05 -34.08
C LYS B 208 18.50 -6.65 -34.28
N SER B 209 18.83 -6.31 -35.52
CA SER B 209 19.46 -5.02 -35.77
C SER B 209 19.11 -4.50 -37.14
N PHE B 210 19.40 -3.21 -37.33
CA PHE B 210 19.31 -2.57 -38.64
C PHE B 210 20.42 -1.55 -38.73
N ASN B 211 20.75 -1.16 -39.95
CA ASN B 211 21.72 -0.11 -40.25
C ASN B 211 20.95 1.14 -40.67
N ARG B 212 21.24 2.26 -40.00
CA ARG B 212 20.52 3.48 -40.31
C ARG B 212 20.67 3.86 -41.79
N GLY B 213 19.55 4.17 -42.42
CA GLY B 213 19.56 4.64 -43.79
C GLY B 213 19.58 3.57 -44.85
N GLU B 214 19.29 2.32 -44.50
CA GLU B 214 19.35 1.20 -45.44
C GLU B 214 17.97 0.56 -45.56
N CYS B 215 17.53 0.35 -46.80
CA CYS B 215 16.31 -0.37 -47.07
C CYS B 215 16.36 -1.78 -46.48
N GLN C 1 -27.39 -2.46 0.85
CA GLN C 1 -26.04 -3.08 0.87
C GLN C 1 -25.08 -2.26 1.72
N VAL C 2 -23.83 -2.74 1.81
CA VAL C 2 -22.76 -2.04 2.51
C VAL C 2 -21.75 -1.60 1.47
N GLN C 3 -21.49 -0.29 1.39
CA GLN C 3 -20.49 0.14 0.42
C GLN C 3 -19.99 1.55 0.71
N LEU C 4 -18.80 1.81 0.18
CA LEU C 4 -18.13 3.10 0.26
C LEU C 4 -17.97 3.61 -1.17
N VAL C 5 -18.53 4.76 -1.48
CA VAL C 5 -18.52 5.32 -2.83
C VAL C 5 -17.67 6.57 -2.83
N GLU C 6 -16.57 6.54 -3.56
CA GLU C 6 -15.66 7.67 -3.64
CA GLU C 6 -15.66 7.68 -3.64
C GLU C 6 -15.93 8.54 -4.85
N SER C 7 -15.55 9.81 -4.73
CA SER C 7 -15.66 10.76 -5.83
C SER C 7 -14.65 11.87 -5.57
N GLY C 8 -14.40 12.66 -6.61
CA GLY C 8 -13.56 13.84 -6.51
C GLY C 8 -12.24 13.75 -7.20
N GLY C 9 -11.84 12.58 -7.65
CA GLY C 9 -10.55 12.45 -8.32
C GLY C 9 -10.52 13.22 -9.63
N GLY C 10 -9.33 13.59 -10.04
CA GLY C 10 -9.16 14.30 -11.30
C GLY C 10 -7.75 14.80 -11.47
N LEU C 11 -7.61 15.78 -12.36
CA LEU C 11 -6.31 16.33 -12.74
C LEU C 11 -6.00 17.57 -11.92
N VAL C 12 -4.77 17.66 -11.43
CA VAL C 12 -4.31 18.78 -10.62
C VAL C 12 -2.90 19.14 -11.02
N GLN C 13 -2.57 20.41 -10.94
CA GLN C 13 -1.20 20.85 -11.13
C GLN C 13 -0.40 20.70 -9.84
N PRO C 14 0.91 20.49 -9.94
CA PRO C 14 1.75 20.51 -8.73
C PRO C 14 1.56 21.81 -7.96
N GLY C 15 1.45 21.69 -6.63
CA GLY C 15 1.10 22.79 -5.77
C GLY C 15 -0.38 23.00 -5.58
N GLY C 16 -1.22 22.36 -6.39
CA GLY C 16 -2.65 22.57 -6.34
C GLY C 16 -3.31 21.78 -5.22
N SER C 17 -4.64 21.85 -5.22
CA SER C 17 -5.45 21.26 -4.18
C SER C 17 -6.57 20.44 -4.79
N LEU C 18 -7.08 19.51 -4.02
CA LEU C 18 -8.17 18.65 -4.45
C LEU C 18 -8.80 18.03 -3.22
N ARG C 19 -10.11 17.87 -3.25
CA ARG C 19 -10.85 17.30 -2.14
C ARG C 19 -11.58 16.04 -2.60
N LEU C 20 -11.26 14.92 -1.99
CA LEU C 20 -11.96 13.66 -2.23
C LEU C 20 -13.09 13.47 -1.22
N SER C 21 -14.10 12.71 -1.62
CA SER C 21 -15.22 12.40 -0.74
CA SER C 21 -15.23 12.40 -0.74
C SER C 21 -15.53 10.92 -0.85
N CYS C 22 -16.01 10.35 0.24
CA CYS C 22 -16.32 8.93 0.33
C CYS C 22 -17.64 8.80 1.08
N ALA C 23 -18.71 8.48 0.34
CA ALA C 23 -20.06 8.41 0.90
C ALA C 23 -20.35 6.98 1.30
N ALA C 24 -20.61 6.77 2.58
CA ALA C 24 -20.77 5.42 3.12
C ALA C 24 -22.23 5.01 3.19
N SER C 25 -22.46 3.72 3.04
CA SER C 25 -23.78 3.11 3.17
C SER C 25 -23.58 1.77 3.88
N GLY C 26 -24.31 1.56 4.97
CA GLY C 26 -24.22 0.32 5.69
C GLY C 26 -23.26 0.32 6.85
N LEU C 27 -22.58 1.43 7.09
CA LEU C 27 -21.77 1.63 8.28
C LEU C 27 -21.79 3.12 8.59
N THR C 28 -21.52 3.47 9.85
CA THR C 28 -21.57 4.84 10.30
C THR C 28 -20.15 5.38 10.36
N VAL C 29 -19.84 6.32 9.47
CA VAL C 29 -18.48 6.82 9.33
C VAL C 29 -17.96 7.32 10.67
N SER C 30 -18.80 8.07 11.39
CA SER C 30 -18.34 8.75 12.61
C SER C 30 -18.07 7.80 13.77
N SER C 31 -18.55 6.55 13.70
CA SER C 31 -18.26 5.62 14.79
C SER C 31 -17.24 4.57 14.41
N ASN C 32 -16.52 4.78 13.28
CA ASN C 32 -15.55 3.81 12.83
C ASN C 32 -14.18 4.45 12.64
N TYR C 33 -13.15 3.58 12.64
CA TYR C 33 -11.82 3.93 12.18
C TYR C 33 -11.86 3.96 10.65
N MET C 34 -11.82 5.15 10.05
CA MET C 34 -11.90 5.34 8.61
C MET C 34 -10.57 5.85 8.08
N SER C 35 -10.12 5.29 6.96
CA SER C 35 -8.79 5.59 6.44
C SER C 35 -8.87 5.89 4.96
N TRP C 36 -7.82 6.56 4.47
CA TRP C 36 -7.51 6.66 3.05
C TRP C 36 -6.23 5.88 2.79
N VAL C 37 -6.26 5.04 1.74
CA VAL C 37 -5.12 4.27 1.31
C VAL C 37 -4.97 4.52 -0.19
N ARG C 38 -3.74 4.72 -0.63
CA ARG C 38 -3.50 4.97 -2.06
C ARG C 38 -2.56 3.94 -2.68
N GLN C 39 -2.57 3.93 -4.02
CA GLN C 39 -1.76 2.99 -4.79
C GLN C 39 -1.32 3.71 -6.05
N ALA C 40 -0.05 4.08 -6.12
CA ALA C 40 0.48 4.71 -7.33
C ALA C 40 0.56 3.69 -8.45
N PRO C 41 0.56 4.16 -9.71
CA PRO C 41 0.61 3.21 -10.84
C PRO C 41 1.73 2.21 -10.74
N GLY C 42 1.38 0.93 -10.69
CA GLY C 42 2.37 -0.14 -10.66
C GLY C 42 3.04 -0.40 -9.33
N LYS C 43 2.60 0.24 -8.26
CA LYS C 43 3.24 0.12 -6.96
C LYS C 43 2.30 -0.53 -5.95
N GLY C 44 2.79 -0.65 -4.71
CA GLY C 44 2.04 -1.28 -3.65
C GLY C 44 1.11 -0.30 -2.94
N LEU C 45 0.52 -0.79 -1.85
CA LEU C 45 -0.43 -0.01 -1.08
C LEU C 45 0.28 0.87 -0.07
N GLU C 46 -0.20 2.13 0.04
CA GLU C 46 0.35 3.06 1.02
C GLU C 46 -0.80 3.69 1.79
N TRP C 47 -0.86 3.42 3.08
CA TRP C 47 -1.81 4.10 3.95
C TRP C 47 -1.46 5.57 4.03
N VAL C 48 -2.49 6.41 4.08
CA VAL C 48 -2.35 7.87 4.00
C VAL C 48 -2.79 8.55 5.29
N SER C 49 -3.95 8.18 5.80
CA SER C 49 -4.57 8.96 6.89
C SER C 49 -5.70 8.16 7.50
N VAL C 50 -5.94 8.39 8.80
CA VAL C 50 -7.03 7.76 9.51
C VAL C 50 -7.71 8.79 10.44
N ILE C 51 -9.01 8.60 10.67
CA ILE C 51 -9.76 9.39 11.62
C ILE C 51 -10.50 8.42 12.54
N TYR C 52 -10.37 8.63 13.86
CA TYR C 52 -11.00 7.80 14.88
C TYR C 52 -12.42 8.30 15.19
N SER C 53 -13.22 7.40 15.75
CA SER C 53 -14.57 7.78 16.15
C SER C 53 -14.57 8.99 17.08
N GLY C 54 -13.62 9.05 18.01
CA GLY C 54 -13.51 10.16 18.92
C GLY C 54 -12.91 11.44 18.37
N GLY C 55 -12.40 11.41 17.14
CA GLY C 55 -11.97 12.61 16.46
C GLY C 55 -10.47 12.69 16.18
N SER C 56 -9.65 11.88 16.87
CA SER C 56 -8.22 11.96 16.63
C SER C 56 -7.90 11.61 15.17
N THR C 57 -6.87 12.25 14.63
CA THR C 57 -6.47 12.08 13.24
C THR C 57 -4.97 11.86 13.17
N TYR C 58 -4.56 11.04 12.19
CA TYR C 58 -3.15 10.73 11.97
C TYR C 58 -2.89 10.62 10.48
N TYR C 59 -1.63 10.84 10.12
CA TYR C 59 -1.20 10.94 8.73
C TYR C 59 0.12 10.21 8.53
N ALA C 60 0.29 9.65 7.34
CA ALA C 60 1.60 9.11 6.98
C ALA C 60 2.60 10.25 6.87
N ASP C 61 3.85 9.95 7.23
CA ASP C 61 4.90 10.97 7.16
CA ASP C 61 4.89 10.97 7.17
C ASP C 61 4.97 11.63 5.79
N SER C 62 4.62 10.89 4.73
CA SER C 62 4.77 11.42 3.39
C SER C 62 3.74 12.49 3.03
N VAL C 63 2.68 12.63 3.82
CA VAL C 63 1.63 13.61 3.55
C VAL C 63 1.38 14.57 4.69
N LYS C 64 2.03 14.39 5.84
CA LYS C 64 1.74 15.25 6.99
C LYS C 64 1.96 16.71 6.63
N GLY C 65 1.07 17.55 7.09
CA GLY C 65 1.12 18.98 6.81
C GLY C 65 0.43 19.39 5.52
N ARG C 66 0.28 18.48 4.57
CA ARG C 66 -0.35 18.78 3.29
C ARG C 66 -1.76 18.26 3.18
N PHE C 67 -2.07 17.13 3.80
CA PHE C 67 -3.37 16.49 3.72
C PHE C 67 -4.09 16.67 5.04
N THR C 68 -5.42 16.77 4.99
CA THR C 68 -6.24 16.80 6.19
CA THR C 68 -6.24 16.81 6.19
C THR C 68 -7.46 15.92 5.95
N ILE C 69 -7.71 15.00 6.89
CA ILE C 69 -8.86 14.09 6.82
C ILE C 69 -9.96 14.67 7.68
N SER C 70 -11.20 14.41 7.30
CA SER C 70 -12.34 14.97 8.01
C SER C 70 -13.59 14.15 7.67
N ARG C 71 -14.70 14.50 8.30
CA ARG C 71 -15.95 13.79 8.08
C ARG C 71 -17.14 14.72 8.35
N ASP C 72 -18.27 14.37 7.73
CA ASP C 72 -19.55 15.05 7.92
C ASP C 72 -20.54 13.97 8.38
N ASP C 73 -20.87 13.97 9.68
CA ASP C 73 -21.73 12.94 10.22
CA ASP C 73 -21.72 12.93 10.22
C ASP C 73 -23.13 13.00 9.62
N SER C 74 -23.60 14.20 9.28
CA SER C 74 -24.95 14.33 8.75
C SER C 74 -25.08 13.69 7.37
N LYS C 75 -24.04 13.77 6.54
CA LYS C 75 -24.05 13.14 5.23
C LYS C 75 -23.43 11.75 5.24
N ASN C 76 -22.93 11.29 6.39
CA ASN C 76 -22.26 10.00 6.50
C ASN C 76 -21.17 9.88 5.44
N THR C 77 -20.30 10.87 5.38
CA THR C 77 -19.33 11.01 4.32
C THR C 77 -17.97 11.36 4.91
N LEU C 78 -16.93 10.75 4.35
CA LEU C 78 -15.54 10.96 4.73
C LEU C 78 -14.85 11.79 3.65
N TYR C 79 -13.97 12.69 4.05
CA TYR C 79 -13.27 13.54 3.12
C TYR C 79 -11.77 13.47 3.32
N LEU C 80 -11.04 13.75 2.24
CA LEU C 80 -9.61 13.98 2.27
C LEU C 80 -9.34 15.27 1.50
N GLN C 81 -8.87 16.29 2.19
CA GLN C 81 -8.46 17.54 1.56
C GLN C 81 -6.96 17.47 1.32
N MET C 82 -6.55 17.54 0.05
CA MET C 82 -5.16 17.43 -0.34
C MET C 82 -4.70 18.79 -0.85
N ASN C 83 -3.67 19.34 -0.21
CA ASN C 83 -3.06 20.59 -0.62
C ASN C 83 -1.61 20.36 -1.01
N SER C 84 -1.04 21.37 -1.67
CA SER C 84 0.34 21.35 -2.18
CA SER C 84 0.34 21.35 -2.16
C SER C 84 0.68 19.97 -2.73
N LEU C 85 -0.12 19.54 -3.68
CA LEU C 85 0.05 18.25 -4.30
C LEU C 85 1.32 18.20 -5.14
N ARG C 86 1.86 16.98 -5.28
CA ARG C 86 3.09 16.73 -6.02
C ARG C 86 2.86 15.54 -6.94
N ALA C 87 3.74 15.43 -7.95
CA ALA C 87 3.56 14.37 -8.94
C ALA C 87 3.56 12.98 -8.28
N GLU C 88 4.37 12.79 -7.24
CA GLU C 88 4.40 11.52 -6.53
C GLU C 88 3.10 11.20 -5.80
N ASP C 89 2.18 12.16 -5.67
CA ASP C 89 0.87 11.87 -5.10
C ASP C 89 -0.08 11.26 -6.11
N THR C 90 0.30 11.19 -7.39
CA THR C 90 -0.52 10.52 -8.40
C THR C 90 -0.74 9.08 -7.99
N ALA C 91 -2.02 8.68 -7.90
CA ALA C 91 -2.36 7.37 -7.38
C ALA C 91 -3.87 7.19 -7.42
N VAL C 92 -4.30 5.93 -7.30
CA VAL C 92 -5.70 5.62 -7.00
C VAL C 92 -5.87 5.73 -5.50
N TYR C 93 -6.89 6.46 -5.06
CA TYR C 93 -7.15 6.67 -3.63
C TYR C 93 -8.37 5.86 -3.22
N TYR C 94 -8.21 5.04 -2.19
CA TYR C 94 -9.28 4.25 -1.62
C TYR C 94 -9.62 4.77 -0.23
N CYS C 95 -10.90 4.78 0.10
CA CYS C 95 -11.34 4.91 1.48
C CYS C 95 -11.67 3.52 2.02
N ALA C 96 -11.47 3.32 3.31
CA ALA C 96 -11.63 2.00 3.89
C ALA C 96 -11.94 2.11 5.38
N ARG C 97 -12.62 1.09 5.88
CA ARG C 97 -12.95 0.93 7.30
C ARG C 97 -12.09 -0.19 7.85
N ASP C 98 -11.50 0.00 9.02
CA ASP C 98 -10.69 -1.04 9.64
C ASP C 98 -11.30 -1.45 10.97
N VAL C 99 -11.21 -2.76 11.23
CA VAL C 99 -11.56 -3.35 12.51
C VAL C 99 -10.29 -4.01 13.04
N ALA C 100 -9.74 -3.48 14.11
CA ALA C 100 -8.47 -3.96 14.65
C ALA C 100 -7.38 -3.93 13.58
N ASP C 101 -7.39 -2.86 12.79
CA ASP C 101 -6.41 -2.53 11.75
C ASP C 101 -6.55 -3.39 10.48
N ALA C 102 -7.53 -4.27 10.40
CA ALA C 102 -7.79 -5.04 9.18
C ALA C 102 -8.88 -4.31 8.40
N PHE C 103 -8.59 -4.00 7.13
CA PHE C 103 -9.53 -3.27 6.28
C PHE C 103 -10.49 -4.25 5.64
N ASP C 104 -11.73 -4.29 6.15
CA ASP C 104 -12.72 -5.22 5.61
C ASP C 104 -13.63 -4.60 4.55
N ILE C 105 -13.83 -3.28 4.58
CA ILE C 105 -14.65 -2.59 3.59
C ILE C 105 -13.78 -1.58 2.86
N TRP C 106 -13.83 -1.61 1.53
CA TRP C 106 -13.07 -0.71 0.68
C TRP C 106 -14.00 -0.04 -0.32
N GLY C 107 -13.68 1.22 -0.63
CA GLY C 107 -14.29 1.87 -1.78
C GLY C 107 -13.80 1.28 -3.08
N GLN C 108 -14.29 1.84 -4.19
CA GLN C 108 -13.90 1.38 -5.51
C GLN C 108 -12.64 2.07 -6.02
N GLY C 109 -12.25 3.18 -5.40
CA GLY C 109 -11.10 3.92 -5.87
C GLY C 109 -11.48 5.12 -6.71
N THR C 110 -10.72 6.20 -6.57
CA THR C 110 -10.84 7.37 -7.45
C THR C 110 -9.42 7.79 -7.81
N MET C 111 -9.18 8.05 -9.08
CA MET C 111 -7.85 8.32 -9.57
C MET C 111 -7.51 9.80 -9.47
N VAL C 112 -6.30 10.09 -9.01
CA VAL C 112 -5.80 11.44 -8.85
C VAL C 112 -4.51 11.55 -9.63
N THR C 113 -4.46 12.52 -10.56
CA THR C 113 -3.29 12.75 -11.40
C THR C 113 -2.77 14.15 -11.12
N VAL C 114 -1.50 14.24 -10.73
CA VAL C 114 -0.84 15.50 -10.46
C VAL C 114 0.23 15.69 -11.52
N SER C 115 0.02 16.68 -12.40
CA SER C 115 0.98 16.93 -13.46
C SER C 115 0.90 18.38 -13.92
N SER C 116 2.06 18.90 -14.30
CA SER C 116 2.15 20.23 -14.94
C SER C 116 1.90 20.18 -16.43
N ALA C 117 1.67 18.98 -17.00
CA ALA C 117 1.45 18.88 -18.42
C ALA C 117 0.08 19.42 -18.79
N SER C 118 -0.04 19.88 -20.03
CA SER C 118 -1.32 20.32 -20.57
C SER C 118 -1.87 19.27 -21.53
N THR C 119 -3.19 19.27 -21.69
CA THR C 119 -3.84 18.33 -22.58
C THR C 119 -3.26 18.44 -23.97
N LYS C 120 -2.92 17.29 -24.57
CA LYS C 120 -2.22 17.25 -25.84
C LYS C 120 -2.52 15.92 -26.50
N GLY C 121 -2.95 15.97 -27.76
CA GLY C 121 -3.22 14.77 -28.52
C GLY C 121 -1.95 14.10 -28.96
N PRO C 122 -2.05 12.81 -29.32
CA PRO C 122 -0.84 12.06 -29.70
C PRO C 122 -0.45 12.26 -31.16
N SER C 123 0.85 12.12 -31.40
CA SER C 123 1.38 11.87 -32.73
C SER C 123 1.44 10.36 -32.92
N VAL C 124 0.96 9.87 -34.06
CA VAL C 124 0.93 8.44 -34.35
C VAL C 124 1.92 8.15 -35.47
N PHE C 125 2.91 7.31 -35.18
CA PHE C 125 3.93 6.95 -36.14
C PHE C 125 3.85 5.47 -36.47
N PRO C 126 4.13 5.08 -37.72
CA PRO C 126 4.08 3.66 -38.07
C PRO C 126 5.27 2.90 -37.50
N LEU C 127 5.01 1.68 -37.07
CA LEU C 127 6.05 0.68 -36.81
C LEU C 127 5.96 -0.29 -37.99
N ALA C 128 6.80 -0.02 -39.00
CA ALA C 128 6.61 -0.68 -40.31
C ALA C 128 7.23 -2.07 -40.33
N PRO C 129 6.55 -3.04 -40.94
CA PRO C 129 7.11 -4.40 -40.98
C PRO C 129 8.43 -4.44 -41.74
N SER C 130 9.33 -5.28 -41.25
CA SER C 130 10.67 -5.38 -41.82
C SER C 130 10.61 -5.88 -43.26
N SER C 131 11.52 -5.36 -44.08
CA SER C 131 11.66 -5.84 -45.46
C SER C 131 12.44 -7.15 -45.54
N LYS C 132 13.20 -7.49 -44.50
CA LYS C 132 14.01 -8.71 -44.50
C LYS C 132 13.25 -9.86 -43.86
N GLY C 137 6.90 -17.72 -40.90
CA GLY C 137 6.58 -16.61 -41.78
C GLY C 137 5.58 -15.63 -41.17
N THR C 138 5.93 -15.10 -40.00
CA THR C 138 5.11 -14.12 -39.30
C THR C 138 5.80 -12.77 -39.33
N ALA C 139 5.03 -11.72 -39.61
CA ALA C 139 5.51 -10.36 -39.61
C ALA C 139 4.83 -9.56 -38.49
N ALA C 140 5.55 -8.60 -37.96
CA ALA C 140 5.05 -7.68 -36.93
C ALA C 140 5.01 -6.27 -37.47
N LEU C 141 3.91 -5.58 -37.22
CA LEU C 141 3.78 -4.16 -37.52
C LEU C 141 2.98 -3.51 -36.38
N GLY C 142 2.93 -2.19 -36.39
CA GLY C 142 2.26 -1.52 -35.28
C GLY C 142 2.23 -0.02 -35.44
N CYS C 143 1.80 0.64 -34.35
CA CYS C 143 1.66 2.07 -34.28
C CYS C 143 2.30 2.54 -32.98
N LEU C 144 3.11 3.58 -33.05
CA LEU C 144 3.69 4.24 -31.88
C LEU C 144 2.87 5.50 -31.61
N VAL C 145 2.20 5.52 -30.46
CA VAL C 145 1.30 6.61 -30.07
C VAL C 145 2.02 7.44 -29.03
N LYS C 146 2.55 8.58 -29.44
CA LYS C 146 3.58 9.27 -28.69
C LYS C 146 3.15 10.65 -28.23
N ASP C 147 3.60 11.02 -27.03
CA ASP C 147 3.52 12.40 -26.52
C ASP C 147 2.08 12.89 -26.41
N TYR C 148 1.29 12.20 -25.60
CA TYR C 148 -0.06 12.64 -25.32
C TYR C 148 -0.24 12.83 -23.80
N PHE C 149 -1.29 13.58 -23.45
CA PHE C 149 -1.64 13.81 -22.05
C PHE C 149 -3.07 14.30 -21.99
N PRO C 150 -3.89 13.83 -21.06
CA PRO C 150 -3.65 12.77 -20.06
C PRO C 150 -4.02 11.40 -20.59
N GLU C 151 -3.80 10.36 -19.79
CA GLU C 151 -4.39 9.07 -20.08
C GLU C 151 -5.91 9.24 -20.14
N PRO C 152 -6.62 8.38 -20.87
CA PRO C 152 -6.19 7.21 -21.66
C PRO C 152 -6.24 7.45 -23.16
N VAL C 153 -5.60 6.55 -23.90
CA VAL C 153 -5.74 6.45 -25.34
C VAL C 153 -6.30 5.07 -25.64
N THR C 154 -7.14 4.98 -26.65
CA THR C 154 -7.64 3.70 -27.14
C THR C 154 -7.12 3.45 -28.56
N VAL C 155 -6.81 2.18 -28.86
CA VAL C 155 -6.31 1.79 -30.15
C VAL C 155 -7.08 0.57 -30.64
N SER C 156 -7.52 0.62 -31.88
CA SER C 156 -8.10 -0.53 -32.56
C SER C 156 -7.38 -0.70 -33.89
N TRP C 157 -7.59 -1.85 -34.53
CA TRP C 157 -6.99 -2.15 -35.82
C TRP C 157 -8.08 -2.47 -36.83
N ASN C 158 -8.02 -1.79 -37.97
CA ASN C 158 -9.01 -1.96 -39.04
C ASN C 158 -10.42 -1.83 -38.48
N SER C 159 -10.62 -0.77 -37.67
CA SER C 159 -11.92 -0.41 -37.11
C SER C 159 -12.56 -1.55 -36.35
N GLY C 160 -11.75 -2.39 -35.72
CA GLY C 160 -12.24 -3.46 -34.86
C GLY C 160 -12.26 -4.83 -35.51
N ALA C 161 -12.05 -4.91 -36.82
CA ALA C 161 -12.10 -6.20 -37.51
C ALA C 161 -10.88 -7.06 -37.22
N LEU C 162 -9.76 -6.46 -36.85
CA LEU C 162 -8.52 -7.17 -36.55
C LEU C 162 -8.30 -7.13 -35.04
N THR C 163 -8.41 -8.31 -34.39
CA THR C 163 -8.24 -8.42 -32.96
C THR C 163 -7.20 -9.48 -32.60
N SER C 164 -7.14 -10.56 -33.37
CA SER C 164 -6.21 -11.65 -33.07
C SER C 164 -4.78 -11.21 -33.33
N GLY C 165 -3.89 -11.53 -32.39
CA GLY C 165 -2.50 -11.17 -32.51
C GLY C 165 -2.16 -9.76 -32.08
N VAL C 166 -3.15 -8.98 -31.63
CA VAL C 166 -2.92 -7.59 -31.25
C VAL C 166 -2.42 -7.54 -29.81
N HIS C 167 -1.38 -6.75 -29.59
CA HIS C 167 -0.91 -6.42 -28.23
C HIS C 167 -0.81 -4.91 -28.13
N THR C 168 -1.64 -4.31 -27.27
CA THR C 168 -1.57 -2.89 -26.97
C THR C 168 -0.99 -2.74 -25.59
N PHE C 169 0.19 -2.14 -25.50
CA PHE C 169 0.97 -2.14 -24.28
C PHE C 169 0.50 -1.05 -23.33
N PRO C 170 0.78 -1.20 -22.03
CA PRO C 170 0.51 -0.10 -21.09
C PRO C 170 1.29 1.14 -21.48
N ALA C 171 0.68 2.29 -21.25
CA ALA C 171 1.38 3.56 -21.47
C ALA C 171 2.53 3.71 -20.49
N VAL C 172 3.57 4.41 -20.93
CA VAL C 172 4.67 4.80 -20.07
C VAL C 172 4.67 6.32 -19.96
N LEU C 173 5.07 6.82 -18.79
CA LEU C 173 5.20 8.24 -18.55
C LEU C 173 6.65 8.63 -18.83
N GLN C 174 6.84 9.52 -19.79
CA GLN C 174 8.16 9.95 -20.19
C GLN C 174 8.65 11.08 -19.30
N SER C 175 9.97 11.34 -19.39
CA SER C 175 10.57 12.42 -18.59
C SER C 175 9.90 13.77 -18.87
N SER C 176 9.33 13.92 -20.07
CA SER C 176 8.67 15.18 -20.45
C SER C 176 7.33 15.39 -19.78
N GLY C 177 6.79 14.39 -19.11
CA GLY C 177 5.45 14.47 -18.54
C GLY C 177 4.36 13.95 -19.45
N LEU C 178 4.70 13.61 -20.70
CA LEU C 178 3.75 13.08 -21.66
C LEU C 178 3.85 11.56 -21.73
N TYR C 179 2.75 10.93 -22.07
CA TYR C 179 2.67 9.49 -22.18
C TYR C 179 2.96 9.04 -23.61
N SER C 180 3.40 7.78 -23.71
CA SER C 180 3.64 7.11 -24.99
CA SER C 180 3.63 7.12 -25.00
C SER C 180 3.21 5.67 -24.85
N LEU C 181 2.62 5.11 -25.90
CA LEU C 181 2.37 3.68 -25.90
C LEU C 181 2.48 3.14 -27.32
N SER C 182 2.66 1.83 -27.41
CA SER C 182 2.75 1.11 -28.67
C SER C 182 1.64 0.09 -28.74
N SER C 183 1.10 -0.09 -29.95
CA SER C 183 0.20 -1.18 -30.26
C SER C 183 0.79 -1.91 -31.45
N VAL C 184 0.92 -3.23 -31.34
CA VAL C 184 1.51 -4.04 -32.39
C VAL C 184 0.55 -5.17 -32.72
N VAL C 185 0.75 -5.75 -33.91
CA VAL C 185 -0.02 -6.93 -34.32
C VAL C 185 0.90 -7.78 -35.19
N THR C 186 0.79 -9.10 -35.04
CA THR C 186 1.51 -10.03 -35.88
C THR C 186 0.53 -10.63 -36.90
N VAL C 187 0.99 -10.76 -38.14
CA VAL C 187 0.15 -11.25 -39.24
C VAL C 187 1.01 -12.12 -40.13
N PRO C 188 0.34 -12.92 -40.99
CA PRO C 188 1.13 -13.69 -41.99
C PRO C 188 1.88 -12.73 -42.90
N SER C 189 3.17 -13.01 -43.11
CA SER C 189 3.96 -12.17 -44.01
C SER C 189 3.38 -12.16 -45.42
N SER C 190 2.70 -13.24 -45.81
CA SER C 190 2.08 -13.31 -47.14
C SER C 190 0.95 -12.29 -47.29
N SER C 191 0.40 -11.79 -46.18
CA SER C 191 -0.72 -10.87 -46.22
C SER C 191 -0.30 -9.41 -46.28
N LEU C 192 1.01 -9.12 -46.22
CA LEU C 192 1.45 -7.73 -46.25
C LEU C 192 1.13 -7.08 -47.60
N GLY C 193 1.14 -7.85 -48.68
CA GLY C 193 0.82 -7.27 -49.98
C GLY C 193 -0.65 -7.17 -50.27
N THR C 194 -1.48 -7.93 -49.58
CA THR C 194 -2.88 -8.07 -49.92
C THR C 194 -3.85 -7.43 -48.93
N GLN C 195 -3.43 -7.20 -47.69
CA GLN C 195 -4.33 -6.71 -46.64
C GLN C 195 -3.86 -5.36 -46.15
N THR C 196 -4.78 -4.40 -46.06
CA THR C 196 -4.48 -3.09 -45.52
C THR C 196 -4.55 -3.13 -43.99
N TYR C 197 -3.61 -2.45 -43.35
CA TYR C 197 -3.54 -2.40 -41.90
C TYR C 197 -3.57 -0.94 -41.45
N ILE C 198 -4.64 -0.58 -40.73
CA ILE C 198 -4.86 0.76 -40.23
C ILE C 198 -5.10 0.67 -38.72
N CYS C 199 -4.35 1.43 -37.96
CA CYS C 199 -4.59 1.54 -36.52
C CYS C 199 -5.40 2.80 -36.26
N ASN C 200 -6.48 2.64 -35.50
CA ASN C 200 -7.38 3.73 -35.17
C ASN C 200 -7.10 4.17 -33.74
N VAL C 201 -6.64 5.41 -33.58
CA VAL C 201 -6.23 5.96 -32.30
C VAL C 201 -7.24 7.02 -31.89
N ASN C 202 -7.76 6.89 -30.67
CA ASN C 202 -8.72 7.86 -30.13
C ASN C 202 -8.21 8.36 -28.77
N HIS C 203 -8.18 9.68 -28.61
CA HIS C 203 -7.75 10.34 -27.37
C HIS C 203 -8.89 11.30 -26.99
N LYS C 204 -9.86 10.80 -26.23
CA LYS C 204 -11.03 11.61 -25.93
C LYS C 204 -10.69 12.92 -25.23
N PRO C 205 -9.78 12.97 -24.25
CA PRO C 205 -9.49 14.25 -23.59
C PRO C 205 -9.17 15.39 -24.53
N SER C 206 -8.58 15.11 -25.70
CA SER C 206 -8.27 16.13 -26.69
C SER C 206 -9.18 16.10 -27.89
N ASN C 207 -10.18 15.21 -27.87
CA ASN C 207 -11.07 15.03 -29.03
C ASN C 207 -10.25 14.80 -30.30
N THR C 208 -9.22 13.96 -30.20
CA THR C 208 -8.36 13.61 -31.32
C THR C 208 -8.70 12.20 -31.77
N LYS C 209 -8.97 12.04 -33.06
CA LYS C 209 -9.18 10.74 -33.69
C LYS C 209 -8.23 10.63 -34.87
N VAL C 210 -7.40 9.59 -34.89
CA VAL C 210 -6.39 9.42 -35.92
C VAL C 210 -6.47 8.02 -36.49
N ASP C 211 -6.42 7.91 -37.82
CA ASP C 211 -6.33 6.65 -38.54
C ASP C 211 -5.01 6.66 -39.30
N LYS C 212 -4.14 5.70 -38.98
CA LYS C 212 -2.80 5.64 -39.58
C LYS C 212 -2.66 4.32 -40.33
N LYS C 213 -2.41 4.42 -41.63
CA LYS C 213 -2.11 3.24 -42.43
C LYS C 213 -0.67 2.84 -42.24
N VAL C 214 -0.44 1.56 -41.98
CA VAL C 214 0.90 1.03 -41.70
C VAL C 214 1.27 0.05 -42.81
N GLU C 215 2.29 0.40 -43.57
CA GLU C 215 2.73 -0.41 -44.70
C GLU C 215 4.24 -0.56 -44.69
N PRO C 216 4.75 -1.58 -45.37
CA PRO C 216 6.21 -1.75 -45.47
C PRO C 216 6.86 -0.52 -46.06
N LYS C 217 8.03 -0.17 -45.52
CA LYS C 217 8.78 0.96 -46.07
C LYS C 217 9.24 0.63 -47.49
N SER C 218 8.95 1.54 -48.42
CA SER C 218 9.14 1.27 -49.83
C SER C 218 10.63 1.23 -50.19
N CYS C 219 10.93 0.59 -51.31
CA CYS C 219 12.30 0.44 -51.79
C CYS C 219 12.35 0.39 -53.31
C1 NAG D . 10.79 -3.48 44.45
C2 NAG D . 11.38 -2.30 45.19
C3 NAG D . 12.81 -2.03 44.73
C4 NAG D . 13.66 -3.30 44.83
C5 NAG D . 13.00 -4.41 44.04
C6 NAG D . 13.74 -5.73 44.13
C7 NAG D . 9.81 -0.58 45.98
C8 NAG D . 9.06 0.67 45.63
N2 NAG D . 10.56 -1.10 45.01
O3 NAG D . 13.38 -1.00 45.52
O4 NAG D . 14.95 -3.05 44.30
O5 NAG D . 11.67 -4.63 44.53
O6 NAG D . 13.74 -6.24 45.46
O7 NAG D . 9.71 -1.10 47.08
H2 NAG D . 11.40 -2.53 46.14
H3 NAG D . 12.79 -1.74 43.80
H4 NAG D . 13.75 -3.56 45.77
H5 NAG D . 12.95 -4.14 43.10
H61 NAG D . 14.66 -5.60 43.84
H62 NAG D . 13.30 -6.38 43.54
H81 NAG D . 8.46 0.49 44.88
H82 NAG D . 9.69 1.36 45.38
H83 NAG D . 8.54 0.96 46.40
HN2 NAG D . 10.58 -0.69 44.20
HO3 NAG D . 13.97 -1.35 46.09
HO6 NAG D . 13.00 -5.97 45.87
C1 NAG D . 15.97 -3.06 45.33
C2 NAG D . 17.09 -2.13 44.85
C3 NAG D . 18.20 -2.06 45.89
C4 NAG D . 17.63 -1.63 47.24
C5 NAG D . 16.49 -2.56 47.63
C6 NAG D . 15.79 -2.14 48.91
C7 NAG D . 17.26 -2.03 42.40
C8 NAG D . 17.90 -2.61 41.17
N2 NAG D . 17.62 -2.58 43.56
O3 NAG D . 19.21 -1.14 45.46
O4 NAG D . 18.65 -1.66 48.23
O5 NAG D . 15.49 -2.58 46.60
O6 NAG D . 15.09 -3.22 49.50
O7 NAG D . 16.47 -1.09 42.34
H2 NAG D . 16.73 -1.23 44.73
H3 NAG D . 18.61 -2.95 45.98
H4 NAG D . 17.29 -0.72 47.16
H5 NAG D . 16.84 -3.46 47.75
H61 NAG D . 15.17 -1.42 48.70
H62 NAG D . 16.46 -1.81 49.54
H81 NAG D . 17.65 -3.54 41.09
H82 NAG D . 18.88 -2.55 41.25
H83 NAG D . 17.60 -2.12 40.38
HN2 NAG D . 18.21 -3.28 43.56
HO3 NAG D . 19.87 -1.13 46.06
HO4 NAG D . 18.62 -0.89 48.69
HO6 NAG D . 14.78 -2.97 50.30
#